data_1FQJ
#
_entry.id   1FQJ
#
_cell.length_a   91.609
_cell.length_b   115.937
_cell.length_c   134.188
_cell.angle_alpha   90.00
_cell.angle_beta   90.00
_cell.angle_gamma   90.00
#
_symmetry.space_group_name_H-M   'P 21 21 21'
#
loop_
_entity.id
_entity.type
_entity.pdbx_description
1 polymer 'Guanine nucleotide-binding protein G(t) subunit alpha-1,Guanine nucleotide-binding protein G(i) subunit alpha-1,Guanine nucleotide-binding protein G(t) subunit alpha-1'
2 polymer 'Regulator of G-protein signaling 9'
3 polymer "Retinal rod rhodopsin-sensitive cGMP 3',5'-cyclic phosphodiesterase subunit gamma"
4 non-polymer 'MAGNESIUM ION'
5 non-polymer 'TETRAFLUOROALUMINATE ION'
6 non-polymer "GUANOSINE-5'-DIPHOSPHATE"
7 water water
#
loop_
_entity_poly.entity_id
_entity_poly.type
_entity_poly.pdbx_seq_one_letter_code
_entity_poly.pdbx_strand_id
1 'polypeptide(L)'
;DARTVKLLLLGAGESGKSTIVKQMKIIHQDGYSLEECLEFIAIIYGNTLQSILAIVRAMTTLNIQYGDSARQDDARKLMH
MADTIEEGTMPKEMSDIIQRLWKDSGIQACFDRASEYQLNDSAGYYLSDLERLVTPGYVPTEQDVLRSRVKTTGIIETQF
SFKDLNFRMFDVGGQRSERKKWIHCFEGVTAIIFCVALSDYDLVLAEDEEMNRMHESMKLFDSICNNKWFTDTSIILFLN
KKDLFEEKIKKSPLTICYPEYAGSNTYEEAGNYIKVQFLELNMRRDVKEIYSHMTCATDTQNVKFVFDAVTDIIIKENLK
DCGLF
;
A,D
2 'polypeptide(L)'
;QFWDLNAKLVDIPTKMRVERWAFNFSELIRDPKGRQSFQHFLRKEFSGENLGFWEACEDLKYGDQSKVKEKAEEIYKLFL
APGARRWINIDGKTMDITVKGLKHPHRYVLDAAQTHIYMLMKKDSYARYLKSPIYKEMLAKAIEPQG
;
B,E
3 'polypeptide(L)' GVQGFGDDIPGMEGLGTDITVICPWEAFNHLELHELAQYGII C
#
loop_
_chem_comp.id
_chem_comp.type
_chem_comp.name
_chem_comp.formula
ALF non-polymer 'TETRAFLUOROALUMINATE ION' 'Al F4 -1'
GDP RNA linking GUANOSINE-5'-DIPHOSPHATE 'C10 H15 N5 O11 P2'
MG non-polymer 'MAGNESIUM ION' 'Mg 2'
#
# COMPACT_ATOMS: atom_id res chain seq x y z
N ARG A 3 19.21 -23.53 -32.11
CA ARG A 3 17.99 -22.76 -32.47
C ARG A 3 16.97 -22.79 -31.33
N THR A 4 16.03 -21.85 -31.34
CA THR A 4 15.01 -21.77 -30.31
C THR A 4 13.79 -22.63 -30.67
N VAL A 5 13.19 -23.25 -29.66
CA VAL A 5 12.04 -24.12 -29.86
C VAL A 5 10.79 -23.66 -29.09
N LYS A 6 9.75 -23.27 -29.81
CA LYS A 6 8.51 -22.85 -29.15
C LYS A 6 7.67 -24.10 -29.01
N LEU A 7 7.43 -24.50 -27.76
CA LEU A 7 6.65 -25.72 -27.49
C LEU A 7 5.36 -25.37 -26.73
N LEU A 8 4.23 -25.89 -27.20
CA LEU A 8 2.97 -25.62 -26.52
C LEU A 8 2.41 -26.84 -25.81
N LEU A 9 1.97 -26.65 -24.58
CA LEU A 9 1.36 -27.73 -23.82
C LEU A 9 -0.13 -27.45 -23.89
N LEU A 10 -0.87 -28.26 -24.66
CA LEU A 10 -2.31 -28.06 -24.79
C LEU A 10 -3.09 -29.25 -24.27
N GLY A 11 -4.36 -29.04 -23.96
CA GLY A 11 -5.19 -30.11 -23.44
C GLY A 11 -6.37 -29.57 -22.65
N ALA A 12 -7.36 -30.42 -22.39
CA ALA A 12 -8.53 -30.00 -21.63
C ALA A 12 -8.14 -29.77 -20.19
N GLY A 13 -9.07 -29.25 -19.39
CA GLY A 13 -8.74 -28.99 -17.99
C GLY A 13 -8.31 -30.24 -17.25
N GLU A 14 -7.39 -30.07 -16.30
CA GLU A 14 -6.86 -31.15 -15.48
C GLU A 14 -6.32 -32.36 -16.22
N SER A 15 -5.67 -32.12 -17.37
CA SER A 15 -5.11 -33.22 -18.16
C SER A 15 -3.64 -33.53 -17.77
N GLY A 16 -3.02 -32.63 -17.01
CA GLY A 16 -1.65 -32.84 -16.57
C GLY A 16 -0.62 -31.82 -17.04
N LYS A 17 -1.04 -30.82 -17.81
CA LYS A 17 -0.09 -29.83 -18.31
C LYS A 17 0.88 -29.18 -17.33
N SER A 18 0.36 -28.54 -16.29
CA SER A 18 1.22 -27.89 -15.32
C SER A 18 2.11 -28.85 -14.56
N THR A 19 1.67 -30.11 -14.46
CA THR A 19 2.48 -31.08 -13.76
C THR A 19 3.70 -31.35 -14.62
N ILE A 20 3.50 -31.36 -15.94
CA ILE A 20 4.62 -31.59 -16.83
C ILE A 20 5.60 -30.43 -16.67
N VAL A 21 5.08 -29.21 -16.49
CA VAL A 21 5.94 -28.03 -16.32
C VAL A 21 6.75 -28.13 -15.02
N LYS A 22 6.16 -28.70 -13.98
CA LYS A 22 6.88 -28.86 -12.73
C LYS A 22 8.04 -29.82 -12.93
N GLN A 23 7.82 -30.87 -13.70
CA GLN A 23 8.85 -31.86 -13.99
C GLN A 23 10.01 -31.25 -14.76
N MET A 24 9.70 -30.28 -15.63
CA MET A 24 10.76 -29.62 -16.38
C MET A 24 11.61 -28.84 -15.38
N LYS A 25 10.97 -28.27 -14.37
CA LYS A 25 11.68 -27.51 -13.35
C LYS A 25 12.61 -28.44 -12.59
N ILE A 26 12.11 -29.59 -12.21
CA ILE A 26 12.89 -30.57 -11.47
C ILE A 26 13.99 -31.20 -12.31
N ILE A 27 13.68 -31.49 -13.57
CA ILE A 27 14.61 -32.14 -14.47
C ILE A 27 15.59 -31.23 -15.22
N HIS A 28 15.08 -30.19 -15.86
CA HIS A 28 15.94 -29.31 -16.63
C HIS A 28 16.21 -27.94 -16.06
N GLN A 29 15.77 -27.70 -14.83
CA GLN A 29 16.00 -26.41 -14.21
C GLN A 29 16.63 -26.53 -12.82
N ASP A 30 16.29 -25.60 -11.95
CA ASP A 30 16.83 -25.56 -10.61
C ASP A 30 16.21 -26.56 -9.61
N GLY A 31 15.04 -27.08 -9.93
CA GLY A 31 14.38 -28.01 -9.03
C GLY A 31 13.71 -27.23 -7.92
N TYR A 32 13.31 -27.91 -6.84
CA TYR A 32 12.65 -27.21 -5.73
C TYR A 32 13.47 -27.13 -4.45
N SER A 33 13.65 -25.91 -3.97
CA SER A 33 14.39 -25.65 -2.74
C SER A 33 13.46 -25.86 -1.54
N LEU A 34 14.03 -25.82 -0.35
CA LEU A 34 13.25 -26.01 0.87
C LEU A 34 12.17 -24.95 0.98
N GLU A 35 12.57 -23.68 0.84
CA GLU A 35 11.60 -22.60 0.95
C GLU A 35 10.54 -22.70 -0.14
N GLU A 36 10.90 -23.27 -1.30
CA GLU A 36 9.96 -23.42 -2.39
C GLU A 36 8.92 -24.48 -2.04
N CYS A 37 9.39 -25.59 -1.47
CA CYS A 37 8.50 -26.66 -1.07
C CYS A 37 7.56 -26.20 0.03
N LEU A 38 8.08 -25.41 0.96
CA LEU A 38 7.25 -24.94 2.06
C LEU A 38 6.05 -24.14 1.55
N GLU A 39 6.21 -23.53 0.39
CA GLU A 39 5.12 -22.73 -0.20
C GLU A 39 3.94 -23.60 -0.63
N PHE A 40 4.16 -24.89 -0.80
CA PHE A 40 3.07 -25.76 -1.21
C PHE A 40 2.19 -26.25 -0.07
N ILE A 41 2.62 -26.00 1.17
CA ILE A 41 1.83 -26.46 2.31
C ILE A 41 0.39 -25.97 2.28
N ALA A 42 0.19 -24.67 2.05
CA ALA A 42 -1.15 -24.10 2.03
C ALA A 42 -1.98 -24.68 0.88
N ILE A 43 -1.30 -24.93 -0.23
CA ILE A 43 -1.97 -25.49 -1.39
C ILE A 43 -2.46 -26.89 -1.03
N ILE A 44 -1.55 -27.70 -0.47
CA ILE A 44 -1.88 -29.07 -0.10
C ILE A 44 -3.00 -29.14 0.93
N TYR A 45 -2.90 -28.31 1.98
CA TYR A 45 -3.95 -28.29 3.00
C TYR A 45 -5.27 -27.86 2.37
N GLY A 46 -5.19 -26.93 1.41
CA GLY A 46 -6.37 -26.47 0.73
C GLY A 46 -6.96 -27.60 -0.13
N ASN A 47 -6.10 -28.33 -0.82
CA ASN A 47 -6.53 -29.45 -1.65
C ASN A 47 -7.19 -30.51 -0.77
N THR A 48 -6.54 -30.81 0.36
CA THR A 48 -7.05 -31.82 1.27
C THR A 48 -8.43 -31.49 1.76
N LEU A 49 -8.64 -30.27 2.25
CA LEU A 49 -9.97 -29.90 2.76
C LEU A 49 -11.04 -29.92 1.65
N GLN A 50 -10.72 -29.33 0.50
CA GLN A 50 -11.68 -29.35 -0.59
C GLN A 50 -12.06 -30.80 -0.93
N SER A 51 -11.07 -31.69 -0.97
CA SER A 51 -11.37 -33.08 -1.31
C SER A 51 -12.36 -33.74 -0.35
N ILE A 52 -12.07 -33.70 0.95
CA ILE A 52 -12.98 -34.33 1.90
C ILE A 52 -14.36 -33.69 1.88
N LEU A 53 -14.41 -32.37 1.71
CA LEU A 53 -15.71 -31.70 1.67
C LEU A 53 -16.54 -32.18 0.47
N ALA A 54 -15.91 -32.40 -0.67
CA ALA A 54 -16.64 -32.88 -1.85
C ALA A 54 -17.19 -34.28 -1.59
N ILE A 55 -16.41 -35.12 -0.94
CA ILE A 55 -16.89 -36.47 -0.66
C ILE A 55 -18.04 -36.39 0.33
N VAL A 56 -17.89 -35.56 1.36
CA VAL A 56 -18.98 -35.43 2.34
C VAL A 56 -20.24 -34.95 1.65
N ARG A 57 -20.11 -33.97 0.76
CA ARG A 57 -21.29 -33.48 0.06
C ARG A 57 -21.91 -34.56 -0.82
N ALA A 58 -21.07 -35.39 -1.45
CA ALA A 58 -21.60 -36.43 -2.32
C ALA A 58 -22.34 -37.49 -1.52
N MET A 59 -22.10 -37.56 -0.21
CA MET A 59 -22.79 -38.55 0.62
C MET A 59 -24.29 -38.32 0.49
N THR A 60 -24.68 -37.05 0.56
CA THR A 60 -26.09 -36.71 0.43
C THR A 60 -26.52 -36.83 -1.04
N THR A 61 -25.72 -36.29 -1.96
CA THR A 61 -26.01 -36.36 -3.39
C THR A 61 -26.24 -37.77 -3.92
N LEU A 62 -25.44 -38.74 -3.48
CA LEU A 62 -25.59 -40.12 -3.97
C LEU A 62 -26.38 -40.96 -2.97
N ASN A 63 -26.82 -40.32 -1.90
CA ASN A 63 -27.57 -41.00 -0.86
C ASN A 63 -26.83 -42.23 -0.33
N ILE A 64 -25.65 -42.00 0.22
CA ILE A 64 -24.83 -43.06 0.78
C ILE A 64 -24.84 -42.80 2.28
N GLN A 65 -25.02 -43.86 3.07
CA GLN A 65 -25.04 -43.69 4.51
C GLN A 65 -23.67 -43.91 5.11
N TYR A 66 -23.39 -43.20 6.21
CA TYR A 66 -22.12 -43.33 6.89
C TYR A 66 -22.09 -44.71 7.54
N GLY A 67 -20.89 -45.24 7.77
CA GLY A 67 -20.79 -46.52 8.43
C GLY A 67 -21.23 -46.36 9.88
N ASP A 68 -20.86 -45.23 10.48
CA ASP A 68 -21.20 -44.92 11.87
C ASP A 68 -21.93 -43.57 11.91
N SER A 69 -23.09 -43.53 12.56
CA SER A 69 -23.89 -42.31 12.66
C SER A 69 -23.16 -41.16 13.34
N ALA A 70 -22.20 -41.47 14.21
CA ALA A 70 -21.44 -40.43 14.90
C ALA A 70 -20.70 -39.54 13.91
N ARG A 71 -20.51 -40.04 12.70
CA ARG A 71 -19.80 -39.29 11.66
C ARG A 71 -20.68 -38.18 11.12
N GLN A 72 -21.99 -38.34 11.21
CA GLN A 72 -22.90 -37.31 10.72
C GLN A 72 -22.62 -36.00 11.46
N ASP A 73 -22.33 -36.12 12.75
CA ASP A 73 -22.03 -34.93 13.55
C ASP A 73 -20.66 -34.39 13.16
N ASP A 74 -19.69 -35.28 12.92
CA ASP A 74 -18.34 -34.86 12.52
C ASP A 74 -18.42 -34.09 11.21
N ALA A 75 -19.25 -34.57 10.29
CA ALA A 75 -19.39 -33.93 8.98
C ALA A 75 -19.96 -32.50 9.14
N ARG A 76 -20.98 -32.36 9.97
CA ARG A 76 -21.60 -31.05 10.21
C ARG A 76 -20.55 -30.08 10.73
N LYS A 77 -19.77 -30.54 11.70
CA LYS A 77 -18.75 -29.69 12.29
C LYS A 77 -17.65 -29.35 11.30
N LEU A 78 -17.30 -30.28 10.42
CA LEU A 78 -16.26 -29.99 9.44
C LEU A 78 -16.72 -28.86 8.51
N MET A 79 -17.97 -28.93 8.05
CA MET A 79 -18.51 -27.91 7.17
C MET A 79 -18.47 -26.54 7.85
N HIS A 80 -18.85 -26.50 9.12
CA HIS A 80 -18.83 -25.25 9.88
C HIS A 80 -17.40 -24.68 9.95
N MET A 81 -16.46 -25.49 10.42
CA MET A 81 -15.07 -25.05 10.51
C MET A 81 -14.52 -24.59 9.16
N ALA A 82 -14.94 -25.27 8.10
CA ALA A 82 -14.47 -24.93 6.76
C ALA A 82 -14.70 -23.48 6.43
N ASP A 83 -15.72 -22.88 7.05
CA ASP A 83 -16.04 -21.48 6.81
C ASP A 83 -15.29 -20.51 7.71
N THR A 84 -14.93 -20.96 8.91
CA THR A 84 -14.25 -20.10 9.86
C THR A 84 -12.72 -20.13 9.85
N ILE A 85 -12.13 -21.30 9.62
CA ILE A 85 -10.67 -21.41 9.60
C ILE A 85 -10.04 -20.62 8.45
N GLU A 86 -8.82 -20.16 8.67
CA GLU A 86 -8.10 -19.41 7.65
C GLU A 86 -7.79 -20.37 6.51
N GLU A 87 -8.08 -19.94 5.29
CA GLU A 87 -7.84 -20.75 4.11
C GLU A 87 -6.40 -21.25 4.11
N GLY A 88 -6.21 -22.51 3.75
CA GLY A 88 -4.88 -23.07 3.68
C GLY A 88 -4.26 -23.55 4.99
N THR A 89 -5.07 -23.61 6.04
CA THR A 89 -4.56 -24.09 7.34
C THR A 89 -5.26 -25.40 7.69
N MET A 90 -4.62 -26.21 8.53
CA MET A 90 -5.18 -27.49 8.92
C MET A 90 -5.02 -27.68 10.43
N PRO A 91 -5.93 -27.07 11.21
CA PRO A 91 -5.94 -27.13 12.68
C PRO A 91 -6.09 -28.56 13.19
N LYS A 92 -5.51 -28.83 14.35
CA LYS A 92 -5.59 -30.15 14.97
C LYS A 92 -7.02 -30.70 14.98
N GLU A 93 -7.96 -29.86 15.39
CA GLU A 93 -9.36 -30.28 15.47
C GLU A 93 -9.94 -30.64 14.11
N MET A 94 -9.49 -29.97 13.07
CA MET A 94 -10.00 -30.26 11.74
C MET A 94 -9.42 -31.58 11.20
N SER A 95 -8.11 -31.76 11.35
CA SER A 95 -7.47 -32.99 10.86
C SER A 95 -7.94 -34.22 11.62
N ASP A 96 -8.28 -34.08 12.89
CA ASP A 96 -8.76 -35.22 13.65
C ASP A 96 -10.12 -35.64 13.09
N ILE A 97 -10.94 -34.66 12.72
CA ILE A 97 -12.25 -34.95 12.16
C ILE A 97 -12.07 -35.59 10.79
N ILE A 98 -11.21 -35.00 9.97
CA ILE A 98 -11.01 -35.55 8.64
C ILE A 98 -10.51 -36.99 8.74
N GLN A 99 -9.59 -37.26 9.64
CA GLN A 99 -9.07 -38.63 9.76
C GLN A 99 -10.14 -39.63 10.15
N ARG A 100 -11.09 -39.23 10.98
CA ARG A 100 -12.15 -40.14 11.37
C ARG A 100 -13.11 -40.38 10.19
N LEU A 101 -13.40 -39.33 9.43
CA LEU A 101 -14.30 -39.49 8.31
C LEU A 101 -13.70 -40.40 7.26
N TRP A 102 -12.41 -40.22 6.99
CA TRP A 102 -11.71 -41.00 6.00
C TRP A 102 -11.79 -42.51 6.30
N LYS A 103 -11.74 -42.86 7.58
CA LYS A 103 -11.80 -44.26 7.95
C LYS A 103 -13.21 -44.85 7.93
N ASP A 104 -14.23 -44.03 7.70
CA ASP A 104 -15.60 -44.52 7.67
C ASP A 104 -15.91 -45.31 6.40
N SER A 105 -16.57 -46.46 6.54
CA SER A 105 -16.84 -47.28 5.36
C SER A 105 -17.78 -46.62 4.36
N GLY A 106 -18.64 -45.73 4.85
CA GLY A 106 -19.55 -45.03 3.96
C GLY A 106 -18.79 -44.02 3.12
N ILE A 107 -17.89 -43.27 3.78
CA ILE A 107 -17.08 -42.28 3.07
C ILE A 107 -16.24 -43.01 2.02
N GLN A 108 -15.67 -44.16 2.38
CA GLN A 108 -14.85 -44.92 1.43
C GLN A 108 -15.69 -45.37 0.23
N ALA A 109 -16.93 -45.81 0.48
CA ALA A 109 -17.82 -46.22 -0.62
C ALA A 109 -18.07 -45.01 -1.52
N CYS A 110 -18.26 -43.85 -0.90
CA CYS A 110 -18.50 -42.64 -1.67
C CYS A 110 -17.23 -42.26 -2.45
N PHE A 111 -16.08 -42.33 -1.80
CA PHE A 111 -14.80 -42.02 -2.46
C PHE A 111 -14.60 -42.89 -3.71
N ASP A 112 -14.97 -44.16 -3.62
CA ASP A 112 -14.81 -45.07 -4.76
C ASP A 112 -15.76 -44.74 -5.91
N ARG A 113 -16.76 -43.92 -5.65
CA ARG A 113 -17.71 -43.54 -6.69
C ARG A 113 -17.41 -42.12 -7.17
N ALA A 114 -16.19 -41.67 -6.94
CA ALA A 114 -15.77 -40.32 -7.32
C ALA A 114 -16.08 -39.92 -8.77
N SER A 115 -16.18 -40.88 -9.67
CA SER A 115 -16.45 -40.54 -11.06
C SER A 115 -17.86 -39.97 -11.21
N GLU A 116 -18.67 -40.13 -10.16
CA GLU A 116 -20.04 -39.63 -10.18
C GLU A 116 -20.19 -38.17 -9.72
N TYR A 117 -19.11 -37.55 -9.28
CA TYR A 117 -19.12 -36.15 -8.88
C TYR A 117 -17.77 -35.56 -9.26
N GLN A 118 -17.45 -34.39 -8.73
CA GLN A 118 -16.17 -33.74 -9.04
C GLN A 118 -15.21 -33.88 -7.87
N LEU A 119 -14.13 -34.62 -8.07
CA LEU A 119 -13.15 -34.83 -6.99
C LEU A 119 -11.72 -34.72 -7.48
N ASN A 120 -10.89 -33.96 -6.76
CA ASN A 120 -9.48 -33.82 -7.12
C ASN A 120 -8.85 -35.19 -7.36
N ASP A 121 -7.92 -35.24 -8.32
CA ASP A 121 -7.19 -36.46 -8.66
C ASP A 121 -6.39 -37.02 -7.47
N SER A 122 -5.76 -36.12 -6.73
CA SER A 122 -4.91 -36.48 -5.60
C SER A 122 -5.62 -36.59 -4.26
N ALA A 123 -6.94 -36.61 -4.28
CA ALA A 123 -7.71 -36.71 -3.04
C ALA A 123 -7.23 -37.88 -2.19
N GLY A 124 -7.19 -39.06 -2.80
CA GLY A 124 -6.77 -40.25 -2.07
C GLY A 124 -5.34 -40.14 -1.58
N TYR A 125 -4.46 -39.67 -2.45
CA TYR A 125 -3.06 -39.51 -2.11
C TYR A 125 -2.86 -38.72 -0.82
N TYR A 126 -3.52 -37.56 -0.73
CA TYR A 126 -3.37 -36.72 0.46
C TYR A 126 -4.11 -37.24 1.68
N LEU A 127 -5.38 -37.58 1.50
CA LEU A 127 -6.20 -38.07 2.60
C LEU A 127 -5.69 -39.36 3.24
N SER A 128 -5.19 -40.29 2.44
CA SER A 128 -4.68 -41.55 2.99
C SER A 128 -3.43 -41.37 3.86
N ASP A 129 -2.76 -40.22 3.73
CA ASP A 129 -1.56 -39.95 4.52
C ASP A 129 -1.66 -38.61 5.25
N LEU A 130 -2.85 -38.25 5.67
CA LEU A 130 -3.07 -36.99 6.36
C LEU A 130 -2.21 -36.80 7.62
N GLU A 131 -1.98 -37.88 8.37
CA GLU A 131 -1.17 -37.78 9.58
C GLU A 131 0.25 -37.26 9.29
N ARG A 132 0.86 -37.74 8.21
CA ARG A 132 2.20 -37.28 7.84
C ARG A 132 2.18 -35.80 7.49
N LEU A 133 1.13 -35.37 6.78
CA LEU A 133 1.01 -33.98 6.37
C LEU A 133 0.82 -33.01 7.51
N VAL A 134 0.23 -33.47 8.63
CA VAL A 134 0.02 -32.55 9.75
C VAL A 134 0.96 -32.81 10.92
N THR A 135 2.12 -33.39 10.63
CA THR A 135 3.14 -33.68 11.63
C THR A 135 4.05 -32.48 11.76
N PRO A 136 4.30 -32.00 12.99
CA PRO A 136 5.17 -30.84 13.20
C PRO A 136 6.46 -30.96 12.39
N GLY A 137 6.83 -29.89 11.68
CA GLY A 137 8.04 -29.93 10.88
C GLY A 137 7.86 -30.47 9.48
N TYR A 138 6.61 -30.70 9.08
CA TYR A 138 6.30 -31.24 7.77
C TYR A 138 6.85 -30.39 6.62
N VAL A 139 7.54 -31.04 5.70
CA VAL A 139 8.10 -30.37 4.53
C VAL A 139 7.64 -31.15 3.29
N PRO A 140 6.88 -30.50 2.39
CA PRO A 140 6.41 -31.22 1.19
C PRO A 140 7.52 -31.87 0.38
N THR A 141 7.36 -33.15 0.08
CA THR A 141 8.34 -33.86 -0.75
C THR A 141 8.05 -33.47 -2.19
N GLU A 142 8.92 -33.89 -3.11
CA GLU A 142 8.71 -33.57 -4.52
C GLU A 142 7.42 -34.18 -5.04
N GLN A 143 7.09 -35.38 -4.59
CA GLN A 143 5.86 -36.04 -5.01
C GLN A 143 4.66 -35.28 -4.46
N ASP A 144 4.76 -34.77 -3.22
CA ASP A 144 3.65 -34.00 -2.65
C ASP A 144 3.42 -32.75 -3.48
N VAL A 145 4.50 -32.17 -4.01
CA VAL A 145 4.39 -30.96 -4.80
C VAL A 145 3.80 -31.26 -6.18
N LEU A 146 4.31 -32.32 -6.82
CA LEU A 146 3.81 -32.74 -8.14
C LEU A 146 2.32 -33.09 -8.09
N ARG A 147 1.89 -33.67 -6.98
CA ARG A 147 0.49 -34.06 -6.81
C ARG A 147 -0.43 -32.90 -6.47
N SER A 148 0.13 -31.74 -6.13
CA SER A 148 -0.70 -30.60 -5.73
C SER A 148 -1.52 -30.12 -6.92
N ARG A 149 -2.65 -29.48 -6.62
CA ARG A 149 -3.56 -28.98 -7.63
C ARG A 149 -3.85 -27.49 -7.55
N VAL A 150 -3.55 -26.77 -8.62
CA VAL A 150 -3.82 -25.34 -8.69
C VAL A 150 -4.34 -25.11 -10.11
N LYS A 151 -5.56 -24.60 -10.23
CA LYS A 151 -6.12 -24.35 -11.54
C LYS A 151 -5.35 -23.20 -12.19
N THR A 152 -4.88 -23.42 -13.42
CA THR A 152 -4.13 -22.41 -14.16
C THR A 152 -5.09 -21.54 -14.97
N THR A 153 -4.80 -20.25 -14.99
CA THR A 153 -5.57 -19.30 -15.76
C THR A 153 -4.54 -18.49 -16.56
N GLY A 154 -4.78 -18.29 -17.84
CA GLY A 154 -3.84 -17.54 -18.65
C GLY A 154 -2.84 -18.37 -19.41
N ILE A 155 -1.78 -17.71 -19.89
CA ILE A 155 -0.71 -18.37 -20.64
C ILE A 155 0.59 -18.06 -19.90
N ILE A 156 1.34 -19.10 -19.58
CA ILE A 156 2.59 -18.94 -18.82
C ILE A 156 3.80 -19.54 -19.54
N GLU A 157 4.85 -18.74 -19.68
CA GLU A 157 6.05 -19.24 -20.34
C GLU A 157 7.16 -19.62 -19.35
N THR A 158 7.93 -20.65 -19.71
CA THR A 158 9.06 -21.10 -18.92
C THR A 158 10.13 -21.49 -19.94
N GLN A 159 11.39 -21.22 -19.62
CA GLN A 159 12.47 -21.50 -20.55
C GLN A 159 13.58 -22.33 -19.93
N PHE A 160 14.17 -23.18 -20.75
CA PHE A 160 15.27 -24.05 -20.35
C PHE A 160 15.98 -24.56 -21.59
N SER A 161 17.23 -24.98 -21.42
CA SER A 161 18.02 -25.50 -22.54
C SER A 161 18.16 -26.99 -22.42
N PHE A 162 18.22 -27.67 -23.55
CA PHE A 162 18.36 -29.13 -23.54
C PHE A 162 18.76 -29.59 -24.94
N LYS A 163 19.76 -30.47 -25.03
CA LYS A 163 20.25 -30.95 -26.33
C LYS A 163 20.62 -29.76 -27.21
N ASP A 164 21.19 -28.72 -26.59
CA ASP A 164 21.59 -27.51 -27.29
C ASP A 164 20.42 -26.71 -27.86
N LEU A 165 19.22 -26.99 -27.38
CA LEU A 165 18.03 -26.29 -27.85
C LEU A 165 17.52 -25.37 -26.75
N ASN A 166 17.04 -24.20 -27.15
CA ASN A 166 16.49 -23.25 -26.19
C ASN A 166 14.97 -23.37 -26.20
N PHE A 167 14.42 -24.00 -25.17
CA PHE A 167 12.97 -24.18 -25.12
C PHE A 167 12.21 -23.01 -24.52
N ARG A 168 11.13 -22.65 -25.20
CA ARG A 168 10.23 -21.61 -24.73
C ARG A 168 8.94 -22.44 -24.66
N MET A 169 8.65 -22.92 -23.46
CA MET A 169 7.49 -23.76 -23.24
C MET A 169 6.32 -22.96 -22.69
N PHE A 170 5.18 -23.08 -23.36
CA PHE A 170 3.99 -22.35 -22.94
C PHE A 170 2.94 -23.26 -22.31
N ASP A 171 2.55 -22.89 -21.09
CA ASP A 171 1.55 -23.64 -20.36
C ASP A 171 0.26 -22.82 -20.45
N VAL A 172 -0.85 -23.46 -20.82
CA VAL A 172 -2.13 -22.75 -20.92
C VAL A 172 -3.17 -23.40 -20.02
N GLY A 173 -4.25 -22.69 -19.75
CA GLY A 173 -5.33 -23.25 -18.95
C GLY A 173 -6.21 -24.07 -19.88
N GLY A 174 -6.78 -25.17 -19.40
CA GLY A 174 -7.60 -26.00 -20.26
C GLY A 174 -9.12 -25.87 -20.29
N GLN A 175 -9.72 -25.20 -19.30
CA GLN A 175 -11.17 -25.04 -19.28
C GLN A 175 -11.64 -24.27 -20.49
N ARG A 176 -12.91 -24.45 -20.84
CA ARG A 176 -13.50 -23.78 -21.99
C ARG A 176 -13.24 -22.28 -22.07
N SER A 177 -13.37 -21.59 -20.93
CA SER A 177 -13.15 -20.15 -20.93
C SER A 177 -11.70 -19.76 -21.23
N GLU A 178 -10.77 -20.65 -20.91
CA GLU A 178 -9.35 -20.38 -21.15
C GLU A 178 -8.93 -20.57 -22.60
N ARG A 179 -9.67 -21.38 -23.34
CA ARG A 179 -9.33 -21.65 -24.72
C ARG A 179 -9.44 -20.45 -25.64
N LYS A 180 -10.18 -19.42 -25.23
CA LYS A 180 -10.32 -18.20 -26.02
C LYS A 180 -8.96 -17.50 -26.12
N LYS A 181 -8.06 -17.85 -25.21
CA LYS A 181 -6.72 -17.26 -25.17
C LYS A 181 -5.66 -18.03 -25.95
N TRP A 182 -5.91 -19.31 -26.21
CA TRP A 182 -4.94 -20.16 -26.91
C TRP A 182 -4.42 -19.58 -28.22
N ILE A 183 -5.28 -18.90 -28.98
CA ILE A 183 -4.86 -18.35 -30.26
C ILE A 183 -3.62 -17.46 -30.13
N HIS A 184 -3.48 -16.79 -29.00
CA HIS A 184 -2.36 -15.88 -28.77
C HIS A 184 -0.96 -16.49 -28.83
N CYS A 185 -0.86 -17.81 -28.79
CA CYS A 185 0.48 -18.38 -28.88
C CYS A 185 0.60 -19.40 -29.99
N PHE A 186 -0.22 -19.26 -31.02
CA PHE A 186 -0.21 -20.18 -32.17
C PHE A 186 0.82 -19.85 -33.26
N GLU A 187 1.47 -18.69 -33.17
CA GLU A 187 2.48 -18.32 -34.17
C GLU A 187 3.82 -19.01 -33.97
N GLY A 188 4.42 -19.44 -35.08
CA GLY A 188 5.73 -20.09 -35.05
C GLY A 188 5.92 -21.22 -34.07
N VAL A 189 4.92 -22.09 -33.97
CA VAL A 189 4.98 -23.21 -33.04
C VAL A 189 5.81 -24.38 -33.57
N THR A 190 6.87 -24.72 -32.86
CA THR A 190 7.74 -25.82 -33.26
C THR A 190 7.13 -27.18 -32.99
N ALA A 191 6.53 -27.33 -31.81
CA ALA A 191 5.92 -28.59 -31.43
C ALA A 191 4.81 -28.38 -30.43
N ILE A 192 3.87 -29.32 -30.44
CA ILE A 192 2.73 -29.28 -29.54
C ILE A 192 2.64 -30.61 -28.83
N ILE A 193 2.52 -30.56 -27.51
CA ILE A 193 2.34 -31.78 -26.73
C ILE A 193 0.88 -31.70 -26.28
N PHE A 194 0.06 -32.64 -26.73
CA PHE A 194 -1.34 -32.60 -26.36
C PHE A 194 -1.57 -33.65 -25.27
N CYS A 195 -1.96 -33.18 -24.10
CA CYS A 195 -2.19 -34.06 -22.98
C CYS A 195 -3.62 -34.53 -22.85
N VAL A 196 -3.79 -35.84 -22.76
CA VAL A 196 -5.11 -36.43 -22.57
C VAL A 196 -5.05 -37.24 -21.28
N ALA A 197 -6.03 -37.06 -20.41
CA ALA A 197 -6.06 -37.84 -19.17
C ALA A 197 -6.78 -39.16 -19.48
N LEU A 198 -6.05 -40.27 -19.50
CA LEU A 198 -6.65 -41.57 -19.80
C LEU A 198 -7.79 -41.94 -18.87
N SER A 199 -7.68 -41.50 -17.61
CA SER A 199 -8.68 -41.79 -16.60
C SER A 199 -9.95 -40.93 -16.69
N ASP A 200 -10.00 -40.07 -17.71
CA ASP A 200 -11.17 -39.20 -17.93
C ASP A 200 -12.32 -39.91 -18.63
N TYR A 201 -12.12 -41.15 -19.06
CA TYR A 201 -13.16 -41.82 -19.82
C TYR A 201 -14.52 -41.96 -19.13
N ASP A 202 -14.55 -41.90 -17.80
CA ASP A 202 -15.83 -42.02 -17.12
C ASP A 202 -16.20 -40.79 -16.29
N LEU A 203 -15.55 -39.67 -16.58
CA LEU A 203 -15.82 -38.44 -15.85
C LEU A 203 -16.54 -37.43 -16.72
N VAL A 204 -17.15 -36.42 -16.10
CA VAL A 204 -17.81 -35.36 -16.85
C VAL A 204 -17.09 -34.04 -16.54
N LEU A 205 -17.23 -33.07 -17.43
CA LEU A 205 -16.57 -31.77 -17.27
C LEU A 205 -17.06 -30.94 -16.09
N ALA A 206 -16.14 -30.25 -15.43
CA ALA A 206 -16.52 -29.39 -14.32
C ALA A 206 -17.35 -28.22 -14.86
N GLU A 207 -17.11 -27.84 -16.11
CA GLU A 207 -17.85 -26.72 -16.74
C GLU A 207 -19.22 -27.14 -17.22
N ASP A 208 -19.36 -28.41 -17.63
CA ASP A 208 -20.62 -28.94 -18.16
C ASP A 208 -20.82 -30.37 -17.71
N GLU A 209 -21.51 -30.54 -16.60
CA GLU A 209 -21.80 -31.85 -16.00
C GLU A 209 -22.44 -32.87 -16.94
N GLU A 210 -22.85 -32.46 -18.12
CA GLU A 210 -23.49 -33.39 -19.06
C GLU A 210 -22.51 -33.95 -20.08
N MET A 211 -21.37 -33.29 -20.23
CA MET A 211 -20.36 -33.67 -21.19
C MET A 211 -19.24 -34.57 -20.65
N ASN A 212 -19.08 -35.74 -21.27
CA ASN A 212 -18.03 -36.69 -20.89
C ASN A 212 -16.67 -36.03 -21.17
N ARG A 213 -15.74 -36.11 -20.21
CA ARG A 213 -14.43 -35.46 -20.39
C ARG A 213 -13.61 -35.96 -21.58
N MET A 214 -13.63 -37.25 -21.84
CA MET A 214 -12.85 -37.76 -22.94
C MET A 214 -13.42 -37.32 -24.28
N HIS A 215 -14.74 -37.19 -24.36
CA HIS A 215 -15.34 -36.74 -25.61
C HIS A 215 -14.84 -35.32 -25.90
N GLU A 216 -14.74 -34.51 -24.84
CA GLU A 216 -14.26 -33.13 -25.00
C GLU A 216 -12.82 -33.15 -25.51
N SER A 217 -11.96 -33.97 -24.90
CA SER A 217 -10.57 -34.03 -25.34
C SER A 217 -10.50 -34.43 -26.80
N MET A 218 -11.29 -35.42 -27.19
CA MET A 218 -11.29 -35.88 -28.58
C MET A 218 -11.64 -34.76 -29.56
N LYS A 219 -12.64 -33.95 -29.23
CA LYS A 219 -13.02 -32.82 -30.09
C LYS A 219 -11.86 -31.83 -30.17
N LEU A 220 -11.19 -31.59 -29.05
CA LEU A 220 -10.07 -30.67 -29.02
C LEU A 220 -8.92 -31.19 -29.87
N PHE A 221 -8.58 -32.47 -29.71
CA PHE A 221 -7.46 -33.03 -30.48
C PHE A 221 -7.79 -33.04 -31.97
N ASP A 222 -9.04 -33.35 -32.28
CA ASP A 222 -9.51 -33.39 -33.65
C ASP A 222 -9.29 -32.01 -34.28
N SER A 223 -9.70 -30.96 -33.59
CA SER A 223 -9.54 -29.61 -34.09
C SER A 223 -8.06 -29.20 -34.20
N ILE A 224 -7.26 -29.57 -33.19
CA ILE A 224 -5.84 -29.22 -33.18
C ILE A 224 -4.95 -29.96 -34.19
N CYS A 225 -5.12 -31.28 -34.29
CA CYS A 225 -4.25 -32.02 -35.20
C CYS A 225 -4.58 -31.88 -36.68
N ASN A 226 -5.78 -31.40 -37.00
CA ASN A 226 -6.15 -31.22 -38.40
C ASN A 226 -6.12 -29.73 -38.81
N ASN A 227 -5.68 -28.88 -37.90
CA ASN A 227 -5.63 -27.44 -38.18
C ASN A 227 -4.48 -27.05 -39.12
N LYS A 228 -4.82 -26.25 -40.12
CA LYS A 228 -3.87 -25.78 -41.13
C LYS A 228 -2.63 -25.15 -40.52
N TRP A 229 -2.81 -24.39 -39.42
CA TRP A 229 -1.70 -23.71 -38.78
C TRP A 229 -0.60 -24.59 -38.23
N PHE A 230 -0.87 -25.87 -38.08
CA PHE A 230 0.11 -26.79 -37.52
C PHE A 230 0.60 -27.88 -38.47
N THR A 231 0.55 -27.60 -39.76
CA THR A 231 1.01 -28.56 -40.76
C THR A 231 2.51 -28.86 -40.60
N ASP A 232 3.29 -27.85 -40.27
CA ASP A 232 4.74 -28.04 -40.09
C ASP A 232 5.13 -28.24 -38.62
N THR A 233 4.12 -28.35 -37.76
CA THR A 233 4.37 -28.53 -36.34
C THR A 233 4.40 -29.99 -35.95
N SER A 234 5.36 -30.36 -35.09
CA SER A 234 5.44 -31.72 -34.63
C SER A 234 4.38 -31.82 -33.54
N ILE A 235 3.48 -32.80 -33.65
CA ILE A 235 2.44 -32.96 -32.64
C ILE A 235 2.62 -34.27 -31.91
N ILE A 236 2.72 -34.21 -30.59
CA ILE A 236 2.90 -35.41 -29.79
C ILE A 236 1.75 -35.56 -28.80
N LEU A 237 1.15 -36.74 -28.79
CA LEU A 237 0.03 -37.03 -27.91
C LEU A 237 0.50 -37.73 -26.64
N PHE A 238 0.23 -37.10 -25.49
CA PHE A 238 0.59 -37.70 -24.20
C PHE A 238 -0.68 -38.27 -23.56
N LEU A 239 -0.80 -39.60 -23.55
CA LEU A 239 -1.96 -40.23 -22.91
C LEU A 239 -1.51 -40.31 -21.44
N ASN A 240 -1.87 -39.28 -20.69
CA ASN A 240 -1.48 -39.12 -19.30
C ASN A 240 -2.30 -39.86 -18.24
N LYS A 241 -1.76 -39.90 -17.03
CA LYS A 241 -2.42 -40.57 -15.90
C LYS A 241 -2.64 -42.07 -16.11
N LYS A 242 -1.64 -42.74 -16.69
CA LYS A 242 -1.72 -44.17 -16.94
C LYS A 242 -1.78 -44.95 -15.63
N ASP A 243 -1.25 -44.37 -14.56
CA ASP A 243 -1.27 -45.03 -13.26
C ASP A 243 -2.68 -45.04 -12.71
N LEU A 244 -3.41 -43.94 -12.88
CA LEU A 244 -4.79 -43.87 -12.41
C LEU A 244 -5.68 -44.71 -13.33
N PHE A 245 -5.38 -44.66 -14.61
CA PHE A 245 -6.15 -45.44 -15.58
C PHE A 245 -6.01 -46.92 -15.28
N GLU A 246 -4.79 -47.35 -14.99
CA GLU A 246 -4.51 -48.75 -14.69
C GLU A 246 -5.42 -49.26 -13.55
N GLU A 247 -5.69 -48.40 -12.57
CA GLU A 247 -6.53 -48.78 -11.44
C GLU A 247 -8.01 -48.71 -11.76
N LYS A 248 -8.40 -47.63 -12.43
CA LYS A 248 -9.78 -47.42 -12.79
C LYS A 248 -10.35 -48.45 -13.78
N ILE A 249 -9.54 -48.91 -14.73
CA ILE A 249 -10.05 -49.85 -15.74
C ILE A 249 -10.47 -51.18 -15.11
N LYS A 250 -10.01 -51.43 -13.90
CA LYS A 250 -10.37 -52.69 -13.23
C LYS A 250 -11.82 -52.69 -12.78
N LYS A 251 -12.36 -51.52 -12.48
CA LYS A 251 -13.73 -51.43 -11.97
C LYS A 251 -14.75 -50.65 -12.81
N SER A 252 -14.27 -49.81 -13.72
CA SER A 252 -15.16 -49.02 -14.55
C SER A 252 -14.93 -49.36 -16.03
N PRO A 253 -15.98 -49.85 -16.73
CA PRO A 253 -15.97 -50.25 -18.14
C PRO A 253 -15.74 -49.09 -19.09
N LEU A 254 -14.90 -49.31 -20.10
CA LEU A 254 -14.62 -48.28 -21.09
C LEU A 254 -15.87 -47.97 -21.90
N THR A 255 -16.82 -48.90 -21.92
CA THR A 255 -18.05 -48.70 -22.67
C THR A 255 -18.80 -47.44 -22.20
N ILE A 256 -18.43 -46.92 -21.03
CA ILE A 256 -19.05 -45.69 -20.50
C ILE A 256 -18.74 -44.54 -21.45
N CYS A 257 -17.60 -44.66 -22.11
CA CYS A 257 -17.17 -43.63 -23.05
C CYS A 257 -17.47 -44.08 -24.48
N TYR A 258 -16.98 -45.25 -24.84
CA TYR A 258 -17.19 -45.79 -26.19
C TYR A 258 -18.13 -47.00 -26.09
N PRO A 259 -19.44 -46.77 -26.28
CA PRO A 259 -20.50 -47.77 -26.23
C PRO A 259 -20.25 -49.04 -27.06
N GLU A 260 -19.48 -48.89 -28.13
CA GLU A 260 -19.18 -50.02 -29.01
C GLU A 260 -17.98 -50.87 -28.62
N TYR A 261 -17.12 -50.35 -27.75
CA TYR A 261 -15.94 -51.11 -27.36
C TYR A 261 -16.30 -52.54 -26.99
N ALA A 262 -15.66 -53.50 -27.63
CA ALA A 262 -15.94 -54.91 -27.36
C ALA A 262 -14.74 -55.65 -26.77
N GLY A 263 -13.63 -54.94 -26.60
CA GLY A 263 -12.42 -55.54 -26.06
C GLY A 263 -12.53 -55.75 -24.56
N SER A 264 -11.47 -56.27 -23.95
CA SER A 264 -11.50 -56.51 -22.52
C SER A 264 -11.17 -55.21 -21.80
N ASN A 265 -11.66 -55.05 -20.58
CA ASN A 265 -11.37 -53.83 -19.83
C ASN A 265 -10.07 -54.06 -19.09
N THR A 266 -8.98 -54.01 -19.83
CA THR A 266 -7.63 -54.21 -19.30
C THR A 266 -6.77 -53.05 -19.76
N TYR A 267 -5.73 -52.76 -18.99
CA TYR A 267 -4.83 -51.67 -19.30
C TYR A 267 -4.35 -51.62 -20.75
N GLU A 268 -3.76 -52.72 -21.22
CA GLU A 268 -3.23 -52.80 -22.58
C GLU A 268 -4.28 -52.61 -23.65
N GLU A 269 -5.28 -53.48 -23.65
CA GLU A 269 -6.32 -53.41 -24.66
C GLU A 269 -7.12 -52.11 -24.65
N ALA A 270 -7.63 -51.72 -23.48
CA ALA A 270 -8.42 -50.48 -23.38
C ALA A 270 -7.53 -49.26 -23.65
N GLY A 271 -6.31 -49.30 -23.14
CA GLY A 271 -5.40 -48.20 -23.37
C GLY A 271 -5.13 -48.04 -24.86
N ASN A 272 -4.85 -49.14 -25.55
CA ASN A 272 -4.57 -49.06 -26.98
C ASN A 272 -5.79 -48.58 -27.74
N TYR A 273 -6.97 -49.03 -27.32
CA TYR A 273 -8.20 -48.63 -27.99
C TYR A 273 -8.32 -47.11 -27.93
N ILE A 274 -8.14 -46.54 -26.74
CA ILE A 274 -8.23 -45.09 -26.59
C ILE A 274 -7.20 -44.41 -27.49
N LYS A 275 -5.97 -44.93 -27.50
CA LYS A 275 -4.92 -44.33 -28.32
C LYS A 275 -5.34 -44.30 -29.77
N VAL A 276 -5.89 -45.41 -30.24
CA VAL A 276 -6.37 -45.53 -31.62
C VAL A 276 -7.50 -44.54 -31.95
N GLN A 277 -8.45 -44.39 -31.03
CA GLN A 277 -9.55 -43.46 -31.26
C GLN A 277 -9.03 -42.03 -31.45
N PHE A 278 -7.95 -41.69 -30.76
CA PHE A 278 -7.40 -40.35 -30.88
C PHE A 278 -6.55 -40.23 -32.14
N LEU A 279 -5.69 -41.21 -32.37
CA LEU A 279 -4.82 -41.14 -33.54
C LEU A 279 -5.55 -41.14 -34.87
N GLU A 280 -6.69 -41.84 -34.93
CA GLU A 280 -7.46 -41.89 -36.17
C GLU A 280 -8.25 -40.62 -36.48
N LEU A 281 -8.15 -39.61 -35.61
CA LEU A 281 -8.84 -38.35 -35.85
C LEU A 281 -8.01 -37.53 -36.83
N ASN A 282 -6.75 -37.97 -37.01
CA ASN A 282 -5.81 -37.33 -37.93
C ASN A 282 -6.16 -37.77 -39.34
N MET A 283 -6.91 -36.95 -40.07
CA MET A 283 -7.30 -37.36 -41.41
C MET A 283 -6.22 -37.01 -42.43
N ARG A 284 -4.97 -37.01 -41.97
CA ARG A 284 -3.82 -36.71 -42.79
C ARG A 284 -2.73 -37.67 -42.34
N ARG A 285 -3.16 -38.71 -41.63
CA ARG A 285 -2.30 -39.75 -41.08
C ARG A 285 -1.32 -40.25 -42.13
N ASP A 286 -1.73 -40.20 -43.40
CA ASP A 286 -0.90 -40.65 -44.50
C ASP A 286 0.37 -39.80 -44.54
N VAL A 287 0.17 -38.50 -44.71
CA VAL A 287 1.27 -37.55 -44.77
C VAL A 287 2.09 -37.53 -43.48
N LYS A 288 1.61 -36.81 -42.48
CA LYS A 288 2.32 -36.71 -41.21
C LYS A 288 1.75 -37.63 -40.13
N GLU A 289 2.67 -38.22 -39.36
CA GLU A 289 2.29 -39.13 -38.28
C GLU A 289 2.25 -38.38 -36.95
N ILE A 290 1.39 -38.84 -36.05
CA ILE A 290 1.30 -38.23 -34.73
C ILE A 290 1.93 -39.24 -33.77
N TYR A 291 2.93 -38.81 -33.02
CA TYR A 291 3.61 -39.68 -32.08
C TYR A 291 2.84 -39.67 -30.76
N SER A 292 2.82 -40.80 -30.06
CA SER A 292 2.10 -40.87 -28.80
C SER A 292 2.90 -41.60 -27.72
N HIS A 293 2.59 -41.31 -26.45
CA HIS A 293 3.26 -41.95 -25.32
C HIS A 293 2.28 -42.07 -24.16
N MET A 294 2.32 -43.20 -23.47
CA MET A 294 1.48 -43.41 -22.29
C MET A 294 2.34 -42.76 -21.22
N THR A 295 1.77 -41.86 -20.43
CA THR A 295 2.59 -41.19 -19.41
C THR A 295 1.97 -41.10 -18.04
N CYS A 296 2.84 -40.79 -17.08
CA CYS A 296 2.45 -40.56 -15.70
C CYS A 296 3.24 -39.29 -15.40
N ALA A 297 2.56 -38.14 -15.50
CA ALA A 297 3.19 -36.85 -15.30
C ALA A 297 3.79 -36.64 -13.93
N THR A 298 3.30 -37.38 -12.93
CA THR A 298 3.83 -37.23 -11.58
C THR A 298 5.00 -38.19 -11.32
N ASP A 299 5.46 -38.87 -12.38
CA ASP A 299 6.58 -39.80 -12.27
C ASP A 299 7.77 -39.16 -12.98
N THR A 300 8.72 -38.63 -12.20
CA THR A 300 9.88 -37.95 -12.77
C THR A 300 10.69 -38.73 -13.81
N GLN A 301 10.91 -40.01 -13.55
CA GLN A 301 11.67 -40.84 -14.48
C GLN A 301 10.93 -41.07 -15.78
N ASN A 302 9.63 -41.25 -15.70
CA ASN A 302 8.82 -41.46 -16.90
C ASN A 302 8.81 -40.18 -17.74
N VAL A 303 8.63 -39.04 -17.10
CA VAL A 303 8.60 -37.78 -17.83
C VAL A 303 9.95 -37.46 -18.44
N LYS A 304 11.01 -37.76 -17.71
CA LYS A 304 12.37 -37.51 -18.21
C LYS A 304 12.59 -38.29 -19.50
N PHE A 305 12.20 -39.55 -19.47
CA PHE A 305 12.33 -40.45 -20.62
C PHE A 305 11.49 -39.98 -21.80
N VAL A 306 10.22 -39.67 -21.57
CA VAL A 306 9.36 -39.25 -22.66
C VAL A 306 9.79 -37.91 -23.23
N PHE A 307 10.19 -36.98 -22.38
CA PHE A 307 10.62 -35.68 -22.89
C PHE A 307 11.88 -35.81 -23.74
N ASP A 308 12.68 -36.83 -23.45
CA ASP A 308 13.90 -37.06 -24.21
C ASP A 308 13.51 -37.49 -25.63
N ALA A 309 12.51 -38.37 -25.71
CA ALA A 309 12.04 -38.87 -27.01
C ALA A 309 11.33 -37.78 -27.81
N VAL A 310 10.77 -36.79 -27.11
CA VAL A 310 10.08 -35.69 -27.79
C VAL A 310 11.14 -34.80 -28.43
N THR A 311 12.19 -34.53 -27.69
CA THR A 311 13.29 -33.70 -28.17
C THR A 311 13.93 -34.36 -29.39
N ASP A 312 14.03 -35.68 -29.38
CA ASP A 312 14.62 -36.38 -30.52
C ASP A 312 13.76 -36.10 -31.75
N ILE A 313 12.45 -36.25 -31.59
CA ILE A 313 11.53 -35.99 -32.69
C ILE A 313 11.74 -34.58 -33.25
N ILE A 314 11.73 -33.60 -32.37
CA ILE A 314 11.93 -32.22 -32.77
C ILE A 314 13.25 -32.08 -33.51
N ILE A 315 14.28 -32.76 -33.02
CA ILE A 315 15.59 -32.70 -33.65
C ILE A 315 15.52 -33.34 -35.03
N LYS A 316 14.98 -34.55 -35.06
CA LYS A 316 14.83 -35.30 -36.31
C LYS A 316 13.98 -34.55 -37.33
N GLU A 317 12.92 -33.91 -36.85
CA GLU A 317 12.01 -33.17 -37.70
C GLU A 317 12.60 -31.89 -38.26
N ASN A 318 13.55 -31.30 -37.54
CA ASN A 318 14.19 -30.06 -38.01
C ASN A 318 15.38 -30.44 -38.89
N LEU A 319 15.30 -31.63 -39.49
CA LEU A 319 16.34 -32.15 -40.36
C LEU A 319 17.74 -31.98 -39.77
N ASP B 11 0.84 8.85 -7.09
CA ASP B 11 1.05 7.93 -5.93
C ASP B 11 2.20 6.96 -6.13
N ILE B 12 3.30 7.19 -5.42
CA ILE B 12 4.47 6.34 -5.51
C ILE B 12 4.63 5.64 -4.16
N PRO B 13 4.33 4.34 -4.10
CA PRO B 13 4.42 3.53 -2.89
C PRO B 13 5.79 3.49 -2.23
N THR B 14 5.80 3.55 -0.89
CA THR B 14 7.05 3.48 -0.16
C THR B 14 7.49 2.01 -0.16
N LYS B 15 8.76 1.79 0.11
CA LYS B 15 9.33 0.45 0.13
C LYS B 15 8.58 -0.50 1.05
N MET B 16 8.26 -0.04 2.26
CA MET B 16 7.55 -0.86 3.23
C MET B 16 6.17 -1.28 2.71
N ARG B 17 5.50 -0.36 2.02
CA ARG B 17 4.18 -0.64 1.48
C ARG B 17 4.23 -1.73 0.42
N VAL B 18 5.18 -1.63 -0.50
CA VAL B 18 5.30 -2.62 -1.57
C VAL B 18 5.72 -3.99 -1.06
N GLU B 19 6.59 -4.03 -0.05
CA GLU B 19 7.02 -5.30 0.53
C GLU B 19 5.85 -5.97 1.23
N ARG B 20 4.93 -5.15 1.71
CA ARG B 20 3.75 -5.62 2.40
C ARG B 20 2.81 -6.37 1.42
N TRP B 21 2.89 -6.03 0.14
CA TRP B 21 2.06 -6.69 -0.88
C TRP B 21 2.42 -8.18 -0.93
N ALA B 22 3.62 -8.52 -0.47
CA ALA B 22 4.07 -9.91 -0.47
C ALA B 22 3.66 -10.66 0.81
N PHE B 23 3.17 -9.94 1.81
CA PHE B 23 2.75 -10.59 3.06
C PHE B 23 1.64 -11.60 2.77
N ASN B 24 0.69 -11.19 1.94
CA ASN B 24 -0.41 -12.05 1.55
C ASN B 24 -1.18 -11.39 0.43
N PHE B 25 -1.99 -12.16 -0.28
CA PHE B 25 -2.75 -11.66 -1.41
C PHE B 25 -3.70 -10.54 -0.99
N SER B 26 -4.30 -10.68 0.18
CA SER B 26 -5.25 -9.68 0.68
C SER B 26 -4.69 -8.26 0.70
N GLU B 27 -3.43 -8.12 1.06
CA GLU B 27 -2.80 -6.80 1.14
C GLU B 27 -2.57 -6.19 -0.24
N LEU B 28 -2.17 -7.03 -1.20
CA LEU B 28 -1.94 -6.57 -2.56
C LEU B 28 -3.24 -6.09 -3.21
N ILE B 29 -4.24 -6.96 -3.26
CA ILE B 29 -5.50 -6.61 -3.90
C ILE B 29 -6.33 -5.54 -3.19
N ARG B 30 -6.07 -5.30 -1.91
CA ARG B 30 -6.82 -4.29 -1.17
C ARG B 30 -6.17 -2.92 -1.34
N ASP B 31 -5.09 -2.88 -2.12
CA ASP B 31 -4.34 -1.65 -2.38
C ASP B 31 -4.48 -1.19 -3.83
N PRO B 32 -4.92 0.06 -4.03
CA PRO B 32 -5.12 0.66 -5.36
C PRO B 32 -3.91 0.47 -6.28
N LYS B 33 -2.74 0.89 -5.80
CA LYS B 33 -1.53 0.75 -6.59
C LYS B 33 -1.17 -0.73 -6.76
N GLY B 34 -1.49 -1.54 -5.76
CA GLY B 34 -1.20 -2.96 -5.85
C GLY B 34 -1.97 -3.62 -6.98
N ARG B 35 -3.27 -3.31 -7.07
CA ARG B 35 -4.12 -3.87 -8.11
C ARG B 35 -3.67 -3.41 -9.48
N GLN B 36 -3.18 -2.17 -9.55
CA GLN B 36 -2.71 -1.62 -10.82
C GLN B 36 -1.45 -2.37 -11.25
N SER B 37 -0.55 -2.62 -10.31
CA SER B 37 0.69 -3.34 -10.62
C SER B 37 0.39 -4.79 -10.99
N PHE B 38 -0.53 -5.40 -10.23
CA PHE B 38 -0.94 -6.78 -10.46
C PHE B 38 -1.57 -6.90 -11.85
N GLN B 39 -2.35 -5.91 -12.24
CA GLN B 39 -2.97 -5.95 -13.56
C GLN B 39 -1.97 -5.99 -14.71
N HIS B 40 -0.90 -5.19 -14.61
CA HIS B 40 0.11 -5.17 -15.68
C HIS B 40 0.65 -6.58 -15.84
N PHE B 41 0.77 -7.29 -14.73
CA PHE B 41 1.26 -8.65 -14.73
C PHE B 41 0.23 -9.61 -15.33
N LEU B 42 -1.02 -9.51 -14.89
CA LEU B 42 -2.06 -10.39 -15.41
C LEU B 42 -2.22 -10.21 -16.92
N ARG B 43 -2.06 -8.99 -17.41
CA ARG B 43 -2.17 -8.77 -18.84
C ARG B 43 -1.10 -9.55 -19.55
N LYS B 44 0.08 -9.58 -18.95
CA LYS B 44 1.23 -10.30 -19.49
C LYS B 44 0.90 -11.80 -19.63
N GLU B 45 0.15 -12.32 -18.67
CA GLU B 45 -0.26 -13.73 -18.67
C GLU B 45 -1.64 -13.98 -19.28
N PHE B 46 -2.21 -12.95 -19.90
CA PHE B 46 -3.54 -13.06 -20.51
C PHE B 46 -4.61 -13.57 -19.54
N SER B 47 -4.62 -13.04 -18.32
CA SER B 47 -5.63 -13.46 -17.36
C SER B 47 -6.19 -12.25 -16.65
N GLY B 48 -6.20 -11.12 -17.36
CA GLY B 48 -6.72 -9.89 -16.81
C GLY B 48 -8.20 -9.88 -16.49
N GLU B 49 -8.98 -10.79 -17.08
CA GLU B 49 -10.41 -10.80 -16.81
C GLU B 49 -10.75 -11.12 -15.35
N ASN B 50 -9.85 -11.80 -14.66
CA ASN B 50 -10.09 -12.13 -13.26
C ASN B 50 -10.12 -10.92 -12.35
N LEU B 51 -9.21 -9.97 -12.60
CA LEU B 51 -9.16 -8.79 -11.78
C LEU B 51 -10.30 -7.88 -12.20
N GLY B 52 -10.60 -7.88 -13.49
CA GLY B 52 -11.70 -7.08 -14.00
C GLY B 52 -13.00 -7.55 -13.39
N PHE B 53 -13.18 -8.86 -13.28
CA PHE B 53 -14.40 -9.39 -12.70
C PHE B 53 -14.52 -9.10 -11.22
N TRP B 54 -13.40 -9.14 -10.51
CA TRP B 54 -13.41 -8.92 -9.07
C TRP B 54 -13.83 -7.49 -8.73
N GLU B 55 -13.33 -6.53 -9.51
CA GLU B 55 -13.66 -5.14 -9.30
C GLU B 55 -15.09 -4.85 -9.70
N ALA B 56 -15.56 -5.53 -10.74
CA ALA B 56 -16.93 -5.33 -11.20
C ALA B 56 -17.87 -5.79 -10.09
N CYS B 57 -17.47 -6.84 -9.37
CA CYS B 57 -18.29 -7.35 -8.28
C CYS B 57 -18.30 -6.36 -7.12
N GLU B 58 -17.11 -5.87 -6.76
CA GLU B 58 -16.99 -4.91 -5.66
C GLU B 58 -17.81 -3.65 -5.98
N ASP B 59 -17.81 -3.25 -7.25
CA ASP B 59 -18.58 -2.08 -7.66
C ASP B 59 -20.07 -2.33 -7.52
N LEU B 60 -20.50 -3.51 -7.95
CA LEU B 60 -21.91 -3.87 -7.86
C LEU B 60 -22.39 -3.83 -6.41
N LYS B 61 -21.61 -4.40 -5.50
CA LYS B 61 -21.95 -4.46 -4.09
C LYS B 61 -21.98 -3.12 -3.34
N TYR B 62 -20.94 -2.31 -3.51
CA TYR B 62 -20.85 -1.04 -2.80
C TYR B 62 -21.12 0.21 -3.64
N GLY B 63 -21.54 0.03 -4.89
CA GLY B 63 -21.83 1.18 -5.73
C GLY B 63 -23.23 1.69 -5.48
N ASP B 64 -23.79 2.39 -6.48
CA ASP B 64 -25.15 2.92 -6.35
C ASP B 64 -26.13 1.75 -6.46
N GLN B 65 -26.73 1.38 -5.34
CA GLN B 65 -27.66 0.26 -5.27
C GLN B 65 -28.90 0.34 -6.14
N SER B 66 -29.04 1.40 -6.94
CA SER B 66 -30.19 1.53 -7.81
C SER B 66 -29.82 1.06 -9.21
N LYS B 67 -28.52 0.88 -9.42
CA LYS B 67 -28.01 0.44 -10.72
C LYS B 67 -27.73 -1.06 -10.75
N VAL B 68 -28.03 -1.74 -9.64
CA VAL B 68 -27.80 -3.18 -9.54
C VAL B 68 -28.25 -3.97 -10.76
N LYS B 69 -29.48 -3.75 -11.20
CA LYS B 69 -30.00 -4.48 -12.36
C LYS B 69 -29.15 -4.27 -13.60
N GLU B 70 -28.87 -3.01 -13.93
CA GLU B 70 -28.06 -2.70 -15.11
C GLU B 70 -26.70 -3.37 -14.99
N LYS B 71 -26.00 -3.05 -13.91
CA LYS B 71 -24.68 -3.59 -13.64
C LYS B 71 -24.62 -5.12 -13.73
N ALA B 72 -25.62 -5.79 -13.19
CA ALA B 72 -25.64 -7.25 -13.22
C ALA B 72 -25.79 -7.75 -14.66
N GLU B 73 -26.64 -7.09 -15.43
CA GLU B 73 -26.83 -7.50 -16.83
C GLU B 73 -25.54 -7.30 -17.60
N GLU B 74 -24.87 -6.18 -17.35
CA GLU B 74 -23.62 -5.89 -18.04
C GLU B 74 -22.53 -6.90 -17.67
N ILE B 75 -22.41 -7.19 -16.38
CA ILE B 75 -21.42 -8.15 -15.91
C ILE B 75 -21.66 -9.50 -16.57
N TYR B 76 -22.93 -9.92 -16.64
CA TYR B 76 -23.26 -11.21 -17.25
C TYR B 76 -22.83 -11.26 -18.71
N LYS B 77 -23.14 -10.20 -19.43
CA LYS B 77 -22.80 -10.09 -20.85
C LYS B 77 -21.29 -10.10 -21.10
N LEU B 78 -20.54 -9.47 -20.19
CA LEU B 78 -19.11 -9.36 -20.35
C LEU B 78 -18.26 -10.49 -19.75
N PHE B 79 -18.69 -11.06 -18.64
CA PHE B 79 -17.90 -12.11 -17.98
C PHE B 79 -18.51 -13.51 -17.84
N LEU B 80 -19.83 -13.62 -17.89
CA LEU B 80 -20.49 -14.91 -17.66
C LEU B 80 -21.11 -15.65 -18.86
N ALA B 81 -21.66 -14.90 -19.82
CA ALA B 81 -22.30 -15.50 -20.98
C ALA B 81 -21.35 -16.43 -21.74
N PRO B 82 -21.88 -17.54 -22.25
CA PRO B 82 -21.01 -18.47 -22.99
C PRO B 82 -20.29 -17.69 -24.08
N GLY B 83 -18.97 -17.78 -24.11
CA GLY B 83 -18.19 -17.09 -25.13
C GLY B 83 -17.98 -15.60 -24.89
N ALA B 84 -18.28 -15.14 -23.68
CA ALA B 84 -18.12 -13.73 -23.35
C ALA B 84 -16.71 -13.22 -23.62
N ARG B 85 -16.59 -11.95 -23.99
CA ARG B 85 -15.30 -11.33 -24.29
C ARG B 85 -14.29 -11.50 -23.15
N ARG B 86 -14.77 -11.49 -21.92
CA ARG B 86 -13.90 -11.64 -20.76
C ARG B 86 -14.41 -12.80 -19.92
N TRP B 87 -14.81 -13.86 -20.61
CA TRP B 87 -15.36 -15.06 -19.99
C TRP B 87 -14.44 -15.56 -18.88
N ILE B 88 -14.97 -15.69 -17.67
CA ILE B 88 -14.18 -16.13 -16.54
C ILE B 88 -14.20 -17.64 -16.33
N ASN B 89 -13.20 -18.12 -15.59
CA ASN B 89 -13.01 -19.55 -15.33
C ASN B 89 -13.64 -20.05 -14.02
N ILE B 90 -14.94 -20.33 -14.04
CA ILE B 90 -15.62 -20.85 -12.86
C ILE B 90 -16.26 -22.17 -13.24
N ASP B 91 -16.57 -23.00 -12.25
CA ASP B 91 -17.17 -24.31 -12.52
C ASP B 91 -18.64 -24.20 -12.89
N GLY B 92 -19.18 -25.30 -13.40
CA GLY B 92 -20.58 -25.37 -13.81
C GLY B 92 -21.57 -25.04 -12.71
N LYS B 93 -21.36 -25.60 -11.52
CA LYS B 93 -22.26 -25.35 -10.40
C LYS B 93 -22.28 -23.87 -10.01
N THR B 94 -21.11 -23.33 -9.71
CA THR B 94 -20.99 -21.92 -9.34
C THR B 94 -21.70 -21.07 -10.38
N MET B 95 -21.44 -21.34 -11.67
CA MET B 95 -22.07 -20.58 -12.74
C MET B 95 -23.58 -20.73 -12.67
N ASP B 96 -24.05 -21.96 -12.56
CA ASP B 96 -25.49 -22.20 -12.48
C ASP B 96 -26.09 -21.37 -11.35
N ILE B 97 -25.48 -21.44 -10.18
CA ILE B 97 -25.96 -20.67 -9.04
C ILE B 97 -26.04 -19.19 -9.38
N THR B 98 -24.98 -18.67 -10.00
CA THR B 98 -24.93 -17.25 -10.35
C THR B 98 -25.97 -16.86 -11.39
N VAL B 99 -26.08 -17.65 -12.45
CA VAL B 99 -27.04 -17.36 -13.52
C VAL B 99 -28.49 -17.39 -13.03
N LYS B 100 -28.77 -18.25 -12.07
CA LYS B 100 -30.11 -18.33 -11.52
C LYS B 100 -30.35 -17.08 -10.67
N GLY B 101 -29.39 -16.77 -9.81
CA GLY B 101 -29.51 -15.59 -8.97
C GLY B 101 -29.68 -14.32 -9.78
N LEU B 102 -28.97 -14.23 -10.90
CA LEU B 102 -29.07 -13.03 -11.75
C LEU B 102 -30.46 -12.81 -12.32
N LYS B 103 -31.30 -13.83 -12.26
CA LYS B 103 -32.67 -13.71 -12.76
C LYS B 103 -33.37 -12.63 -11.94
N HIS B 104 -32.97 -12.53 -10.68
CA HIS B 104 -33.51 -11.56 -9.72
C HIS B 104 -32.33 -10.97 -8.95
N PRO B 105 -31.57 -10.08 -9.59
CA PRO B 105 -30.37 -9.38 -9.10
C PRO B 105 -30.43 -8.82 -7.67
N HIS B 106 -29.25 -8.64 -7.08
CA HIS B 106 -29.13 -8.08 -5.74
C HIS B 106 -27.66 -7.91 -5.35
N ARG B 107 -27.45 -7.04 -4.36
CA ARG B 107 -26.14 -6.68 -3.84
C ARG B 107 -25.07 -7.77 -3.83
N TYR B 108 -25.38 -8.91 -3.21
CA TYR B 108 -24.41 -10.01 -3.10
C TYR B 108 -24.68 -11.20 -4.03
N VAL B 109 -25.34 -10.95 -5.16
CA VAL B 109 -25.67 -12.02 -6.08
C VAL B 109 -24.47 -12.69 -6.77
N LEU B 110 -23.32 -12.00 -6.76
CA LEU B 110 -22.11 -12.55 -7.39
C LEU B 110 -21.10 -13.06 -6.38
N ASP B 111 -21.49 -13.14 -5.11
CA ASP B 111 -20.55 -13.59 -4.07
C ASP B 111 -19.86 -14.93 -4.32
N ALA B 112 -20.61 -15.92 -4.78
CA ALA B 112 -20.06 -17.26 -5.05
C ALA B 112 -18.98 -17.20 -6.13
N ALA B 113 -19.32 -16.56 -7.24
CA ALA B 113 -18.39 -16.41 -8.37
C ALA B 113 -17.18 -15.59 -7.97
N GLN B 114 -17.41 -14.49 -7.24
CA GLN B 114 -16.31 -13.65 -6.81
C GLN B 114 -15.30 -14.36 -5.91
N THR B 115 -15.79 -15.20 -5.01
CA THR B 115 -14.90 -15.94 -4.12
C THR B 115 -14.05 -16.93 -4.92
N HIS B 116 -14.69 -17.59 -5.88
CA HIS B 116 -13.98 -18.58 -6.71
C HIS B 116 -12.86 -17.88 -7.48
N ILE B 117 -13.19 -16.75 -8.12
CA ILE B 117 -12.20 -16.02 -8.89
C ILE B 117 -11.12 -15.46 -7.99
N TYR B 118 -11.49 -15.07 -6.78
CA TYR B 118 -10.51 -14.54 -5.83
C TYR B 118 -9.45 -15.61 -5.54
N MET B 119 -9.93 -16.80 -5.19
CA MET B 119 -9.02 -17.90 -4.89
C MET B 119 -8.20 -18.32 -6.12
N LEU B 120 -8.79 -18.17 -7.30
CA LEU B 120 -8.10 -18.51 -8.53
C LEU B 120 -6.81 -17.69 -8.66
N MET B 121 -6.92 -16.37 -8.45
CA MET B 121 -5.79 -15.43 -8.54
C MET B 121 -4.78 -15.65 -7.40
N LYS B 122 -5.29 -15.84 -6.19
CA LYS B 122 -4.47 -16.05 -5.01
C LYS B 122 -3.54 -17.24 -5.12
N LYS B 123 -4.12 -18.38 -5.50
CA LYS B 123 -3.37 -19.63 -5.62
C LYS B 123 -2.47 -19.75 -6.84
N ASP B 124 -2.88 -19.16 -7.97
CA ASP B 124 -2.10 -19.27 -9.20
C ASP B 124 -1.30 -18.01 -9.59
N SER B 125 -2.00 -16.95 -9.96
CA SER B 125 -1.34 -15.72 -10.40
C SER B 125 -0.50 -14.95 -9.36
N TYR B 126 -1.01 -14.82 -8.14
CA TYR B 126 -0.31 -14.08 -7.08
C TYR B 126 1.10 -14.58 -6.81
N ALA B 127 1.24 -15.89 -6.65
CA ALA B 127 2.55 -16.48 -6.38
C ALA B 127 3.57 -16.10 -7.46
N ARG B 128 3.17 -16.20 -8.73
CA ARG B 128 4.09 -15.84 -9.82
C ARG B 128 4.33 -14.33 -9.85
N TYR B 129 3.33 -13.54 -9.46
CA TYR B 129 3.48 -12.09 -9.45
C TYR B 129 4.67 -11.68 -8.58
N LEU B 130 4.69 -12.21 -7.36
CA LEU B 130 5.77 -11.89 -6.41
C LEU B 130 7.17 -12.25 -6.93
N LYS B 131 7.26 -13.20 -7.86
CA LYS B 131 8.56 -13.59 -8.40
C LYS B 131 8.85 -12.94 -9.75
N SER B 132 7.91 -12.15 -10.24
CA SER B 132 8.05 -11.51 -11.55
C SER B 132 8.93 -10.24 -11.55
N PRO B 133 9.42 -9.87 -12.74
CA PRO B 133 10.26 -8.68 -12.92
C PRO B 133 9.46 -7.43 -12.58
N ILE B 134 8.17 -7.49 -12.89
CA ILE B 134 7.26 -6.39 -12.62
C ILE B 134 7.24 -6.01 -11.14
N TYR B 135 7.11 -7.02 -10.28
CA TYR B 135 7.09 -6.76 -8.85
C TYR B 135 8.47 -6.35 -8.33
N LYS B 136 9.51 -6.99 -8.83
CA LYS B 136 10.87 -6.67 -8.39
C LYS B 136 11.17 -5.21 -8.73
N GLU B 137 10.63 -4.74 -9.85
CA GLU B 137 10.83 -3.37 -10.27
C GLU B 137 10.06 -2.43 -9.35
N MET B 138 8.86 -2.84 -8.94
CA MET B 138 8.08 -2.00 -8.05
C MET B 138 8.86 -1.78 -6.76
N LEU B 139 9.56 -2.82 -6.32
CA LEU B 139 10.39 -2.75 -5.12
C LEU B 139 11.56 -1.81 -5.34
N ALA B 140 12.13 -1.86 -6.55
CA ALA B 140 13.26 -1.02 -6.90
C ALA B 140 12.91 0.46 -6.86
N LYS B 141 11.97 0.87 -7.71
CA LYS B 141 11.54 2.27 -7.77
C LYS B 141 10.88 2.72 -6.47
N ALA B 142 10.68 1.79 -5.54
CA ALA B 142 10.05 2.13 -4.27
C ALA B 142 10.85 3.21 -3.59
N ILE B 143 10.17 4.29 -3.19
CA ILE B 143 10.81 5.42 -2.55
C ILE B 143 11.41 5.04 -1.19
N PHE C 5 -9.59 -6.46 -31.12
CA PHE C 5 -10.30 -6.67 -32.42
C PHE C 5 -10.70 -8.13 -32.67
N GLY C 6 -10.23 -9.03 -31.80
CA GLY C 6 -10.55 -10.43 -31.96
C GLY C 6 -12.04 -10.74 -31.93
N ASP C 7 -12.83 -9.83 -31.39
CA ASP C 7 -14.28 -10.01 -31.30
C ASP C 7 -15.04 -9.17 -32.33
N ASP C 8 -14.31 -8.59 -33.28
CA ASP C 8 -14.93 -7.77 -34.32
C ASP C 8 -14.89 -8.48 -35.69
N ILE C 9 -14.52 -9.76 -35.69
CA ILE C 9 -14.45 -10.55 -36.91
C ILE C 9 -15.84 -11.00 -37.34
N PRO C 10 -16.20 -10.77 -38.62
CA PRO C 10 -17.52 -11.14 -39.17
C PRO C 10 -17.64 -12.64 -39.46
N GLY C 11 -18.87 -13.07 -39.74
CA GLY C 11 -19.12 -14.46 -40.06
C GLY C 11 -19.31 -15.41 -38.90
N MET C 12 -19.78 -14.91 -37.76
CA MET C 12 -19.99 -15.75 -36.60
C MET C 12 -21.42 -16.26 -36.49
N GLU C 13 -22.31 -15.72 -37.32
CA GLU C 13 -23.71 -16.15 -37.29
C GLU C 13 -23.84 -17.51 -37.97
N GLY C 14 -24.58 -18.43 -37.34
CA GLY C 14 -24.77 -19.74 -37.92
C GLY C 14 -23.86 -20.85 -37.43
N LEU C 15 -22.76 -20.53 -36.77
CA LEU C 15 -21.88 -21.60 -36.30
C LEU C 15 -22.22 -22.07 -34.88
N GLY C 16 -22.16 -23.39 -34.69
CA GLY C 16 -22.51 -23.98 -33.40
C GLY C 16 -21.54 -23.85 -32.23
N THR C 17 -22.00 -24.31 -31.08
CA THR C 17 -21.21 -24.26 -29.85
C THR C 17 -19.86 -24.99 -29.98
N ASP C 18 -19.77 -25.97 -30.88
CA ASP C 18 -18.52 -26.68 -31.06
C ASP C 18 -17.40 -25.72 -31.43
N ILE C 19 -17.77 -24.61 -32.07
CA ILE C 19 -16.78 -23.61 -32.46
C ILE C 19 -16.74 -22.47 -31.44
N THR C 20 -17.90 -21.87 -31.16
CA THR C 20 -17.95 -20.74 -30.24
C THR C 20 -17.55 -21.03 -28.81
N VAL C 21 -17.64 -22.30 -28.40
CA VAL C 21 -17.33 -22.65 -27.03
C VAL C 21 -16.20 -23.65 -26.82
N ILE C 22 -16.25 -24.75 -27.56
CA ILE C 22 -15.25 -25.80 -27.39
C ILE C 22 -13.89 -25.52 -28.05
N CYS C 23 -13.90 -25.12 -29.32
CA CYS C 23 -12.67 -24.83 -30.06
C CYS C 23 -12.76 -23.43 -30.67
N PRO C 24 -12.68 -22.39 -29.82
CA PRO C 24 -12.76 -20.96 -30.18
C PRO C 24 -11.93 -20.49 -31.38
N TRP C 25 -10.70 -20.99 -31.47
CA TRP C 25 -9.79 -20.58 -32.53
C TRP C 25 -10.30 -20.96 -33.92
N GLU C 26 -11.26 -21.88 -33.98
CA GLU C 26 -11.83 -22.30 -35.26
C GLU C 26 -12.60 -21.19 -35.97
N ALA C 27 -13.04 -20.19 -35.21
CA ALA C 27 -13.77 -19.06 -35.81
C ALA C 27 -12.86 -18.27 -36.75
N PHE C 28 -11.55 -18.50 -36.65
CA PHE C 28 -10.57 -17.80 -37.49
C PHE C 28 -9.85 -18.75 -38.45
N ASN C 29 -10.41 -19.94 -38.66
CA ASN C 29 -9.78 -20.94 -39.53
C ASN C 29 -9.61 -20.56 -40.99
N HIS C 30 -10.25 -19.48 -41.41
CA HIS C 30 -10.13 -19.03 -42.79
C HIS C 30 -8.94 -18.06 -42.92
N LEU C 31 -8.31 -17.75 -41.79
CA LEU C 31 -7.19 -16.81 -41.79
C LEU C 31 -5.82 -17.47 -41.62
N GLU C 32 -4.83 -16.93 -42.32
CA GLU C 32 -3.44 -17.40 -42.23
C GLU C 32 -2.87 -16.82 -40.95
N LEU C 33 -1.81 -17.43 -40.42
CA LEU C 33 -1.20 -16.92 -39.19
C LEU C 33 -0.75 -15.46 -39.31
N HIS C 34 -0.19 -15.07 -40.45
CA HIS C 34 0.24 -13.69 -40.61
C HIS C 34 -0.94 -12.72 -40.66
N GLU C 35 -2.11 -13.22 -41.04
CA GLU C 35 -3.30 -12.36 -41.09
C GLU C 35 -3.90 -12.15 -39.71
N LEU C 36 -3.64 -13.09 -38.78
CA LEU C 36 -4.16 -12.96 -37.42
C LEU C 36 -3.63 -11.68 -36.79
N ALA C 37 -2.38 -11.36 -37.06
CA ALA C 37 -1.79 -10.14 -36.52
C ALA C 37 -2.37 -8.92 -37.25
N GLN C 38 -2.43 -9.01 -38.57
CA GLN C 38 -2.94 -7.93 -39.41
C GLN C 38 -4.36 -7.51 -39.03
N TYR C 39 -5.19 -8.47 -38.66
CA TYR C 39 -6.56 -8.13 -38.32
C TYR C 39 -6.81 -7.95 -36.83
N GLY C 40 -5.71 -7.78 -36.09
CA GLY C 40 -5.79 -7.55 -34.66
C GLY C 40 -6.37 -8.64 -33.78
N ILE C 41 -6.30 -9.88 -34.24
CA ILE C 41 -6.83 -11.00 -33.47
C ILE C 41 -5.82 -11.34 -32.39
N ILE C 42 -4.53 -11.31 -32.75
CA ILE C 42 -3.43 -11.56 -31.82
C ILE C 42 -2.48 -10.36 -31.82
N ARG D 3 -19.87 27.21 33.82
CA ARG D 3 -19.01 28.42 33.66
C ARG D 3 -17.80 28.12 32.77
N THR D 4 -17.83 28.64 31.55
CA THR D 4 -16.75 28.42 30.59
C THR D 4 -16.10 29.73 30.13
N VAL D 5 -14.78 29.68 29.97
CA VAL D 5 -14.01 30.85 29.54
C VAL D 5 -13.20 30.56 28.26
N LYS D 6 -13.33 31.45 27.28
CA LYS D 6 -12.60 31.30 26.03
C LYS D 6 -11.41 32.24 26.07
N LEU D 7 -10.21 31.65 26.09
CA LEU D 7 -8.98 32.40 26.17
C LEU D 7 -8.11 32.20 24.93
N LEU D 8 -7.75 33.31 24.29
CA LEU D 8 -6.90 33.26 23.10
C LEU D 8 -5.47 33.68 23.37
N LEU D 9 -4.52 32.84 22.96
CA LEU D 9 -3.11 33.18 23.12
C LEU D 9 -2.67 33.77 21.77
N LEU D 10 -2.55 35.10 21.73
CA LEU D 10 -2.17 35.80 20.51
C LEU D 10 -0.79 36.48 20.61
N GLY D 11 -0.23 36.81 19.46
CA GLY D 11 1.08 37.45 19.41
C GLY D 11 1.82 37.06 18.13
N ALA D 12 2.89 37.78 17.83
CA ALA D 12 3.66 37.50 16.62
C ALA D 12 4.45 36.21 16.76
N GLY D 13 5.13 35.82 15.68
CA GLY D 13 5.91 34.59 15.71
C GLY D 13 7.00 34.55 16.76
N GLU D 14 7.21 33.38 17.34
CA GLU D 14 8.25 33.14 18.36
C GLU D 14 8.19 34.06 19.58
N SER D 15 6.98 34.44 20.00
CA SER D 15 6.83 35.31 21.15
C SER D 15 6.62 34.55 22.45
N GLY D 16 6.31 33.25 22.37
CA GLY D 16 6.14 32.45 23.57
C GLY D 16 4.81 31.74 23.80
N LYS D 17 3.86 31.96 22.89
CA LYS D 17 2.52 31.35 22.99
C LYS D 17 2.45 29.86 23.32
N SER D 18 3.16 29.03 22.57
CA SER D 18 3.13 27.60 22.81
C SER D 18 3.85 27.15 24.08
N THR D 19 4.80 27.94 24.56
CA THR D 19 5.51 27.58 25.79
C THR D 19 4.50 27.79 26.92
N ILE D 20 3.75 28.89 26.84
CA ILE D 20 2.72 29.16 27.86
C ILE D 20 1.75 27.97 27.88
N VAL D 21 1.41 27.45 26.71
CA VAL D 21 0.49 26.32 26.64
C VAL D 21 1.13 25.10 27.29
N LYS D 22 2.40 24.85 27.00
CA LYS D 22 3.12 23.73 27.60
C LYS D 22 3.06 23.82 29.13
N GLN D 23 3.19 25.04 29.66
CA GLN D 23 3.14 25.25 31.11
C GLN D 23 1.79 24.81 31.65
N MET D 24 0.72 25.22 30.96
CA MET D 24 -0.63 24.87 31.36
C MET D 24 -0.79 23.38 31.51
N LYS D 25 -0.04 22.61 30.72
CA LYS D 25 -0.11 21.16 30.79
C LYS D 25 0.66 20.63 32.01
N ILE D 26 1.72 21.34 32.37
CA ILE D 26 2.56 20.97 33.50
C ILE D 26 1.85 21.27 34.81
N ILE D 27 1.20 22.42 34.86
CA ILE D 27 0.49 22.88 36.04
C ILE D 27 -0.93 22.35 36.20
N HIS D 28 -1.81 22.71 35.26
CA HIS D 28 -3.21 22.30 35.31
C HIS D 28 -3.59 20.99 34.64
N GLN D 29 -2.61 20.18 34.29
CA GLN D 29 -2.89 18.89 33.66
C GLN D 29 -1.92 17.83 34.17
N ASP D 30 -1.88 16.68 33.51
CA ASP D 30 -1.00 15.59 33.93
C ASP D 30 0.48 15.79 33.63
N GLY D 31 0.84 16.97 33.13
CA GLY D 31 2.23 17.22 32.81
C GLY D 31 2.73 16.25 31.76
N TYR D 32 4.02 15.96 31.77
CA TYR D 32 4.60 15.04 30.79
C TYR D 32 5.07 13.70 31.33
N SER D 33 4.56 12.63 30.75
CA SER D 33 4.94 11.28 31.15
C SER D 33 6.31 11.01 30.55
N LEU D 34 6.89 9.86 30.90
CA LEU D 34 8.19 9.49 30.38
C LEU D 34 8.15 9.31 28.85
N GLU D 35 7.13 8.58 28.38
CA GLU D 35 7.00 8.33 26.96
C GLU D 35 6.73 9.61 26.18
N GLU D 36 6.17 10.61 26.86
CA GLU D 36 5.90 11.89 26.21
C GLU D 36 7.19 12.69 26.11
N CYS D 37 8.07 12.55 27.10
CA CYS D 37 9.34 13.25 27.10
C CYS D 37 10.25 12.69 26.02
N LEU D 38 10.28 11.37 25.92
CA LEU D 38 11.12 10.72 24.93
C LEU D 38 10.82 11.21 23.52
N GLU D 39 9.56 11.57 23.27
CA GLU D 39 9.15 12.07 21.96
C GLU D 39 9.84 13.38 21.61
N PHE D 40 10.24 14.14 22.63
CA PHE D 40 10.91 15.41 22.41
C PHE D 40 12.38 15.30 22.05
N ILE D 41 12.92 14.08 22.08
CA ILE D 41 14.34 13.91 21.76
C ILE D 41 14.65 14.30 20.31
N ALA D 42 13.88 13.79 19.36
CA ALA D 42 14.13 14.12 17.96
C ALA D 42 13.98 15.62 17.78
N ILE D 43 12.96 16.19 18.41
CA ILE D 43 12.70 17.64 18.34
C ILE D 43 13.92 18.40 18.85
N ILE D 44 14.42 18.00 20.01
CA ILE D 44 15.58 18.66 20.61
C ILE D 44 16.85 18.49 19.79
N TYR D 45 17.09 17.29 19.27
CA TYR D 45 18.27 17.05 18.44
C TYR D 45 18.17 17.88 17.16
N GLY D 46 16.95 18.02 16.64
CA GLY D 46 16.76 18.83 15.45
C GLY D 46 17.08 20.29 15.73
N ASN D 47 16.55 20.79 16.84
CA ASN D 47 16.77 22.18 17.28
C ASN D 47 18.27 22.45 17.45
N THR D 48 18.98 21.48 18.01
CA THR D 48 20.41 21.62 18.25
C THR D 48 21.19 21.71 16.95
N LEU D 49 20.92 20.79 16.03
CA LEU D 49 21.61 20.79 14.74
C LEU D 49 21.34 22.10 13.98
N GLN D 50 20.07 22.49 13.91
CA GLN D 50 19.69 23.72 13.20
C GLN D 50 20.37 24.94 13.81
N SER D 51 20.54 24.94 15.13
CA SER D 51 21.17 26.06 15.80
C SER D 51 22.63 26.23 15.42
N ILE D 52 23.40 25.15 15.51
CA ILE D 52 24.81 25.23 15.17
C ILE D 52 25.00 25.49 13.67
N LEU D 53 24.08 25.03 12.83
CA LEU D 53 24.21 25.28 11.40
C LEU D 53 24.01 26.76 11.12
N ALA D 54 23.06 27.37 11.82
CA ALA D 54 22.80 28.79 11.62
C ALA D 54 24.05 29.58 11.99
N ILE D 55 24.70 29.20 13.08
CA ILE D 55 25.91 29.90 13.49
C ILE D 55 27.05 29.68 12.48
N VAL D 56 27.24 28.44 12.06
CA VAL D 56 28.28 28.15 11.09
C VAL D 56 28.08 28.93 9.80
N ARG D 57 26.84 29.02 9.30
CA ARG D 57 26.60 29.77 8.08
C ARG D 57 26.84 31.25 8.29
N ALA D 58 26.53 31.76 9.48
CA ALA D 58 26.75 33.18 9.76
C ALA D 58 28.23 33.54 9.83
N MET D 59 29.10 32.55 10.08
CA MET D 59 30.54 32.82 10.11
C MET D 59 30.93 33.45 8.77
N THR D 60 30.36 32.90 7.70
CA THR D 60 30.62 33.39 6.36
C THR D 60 29.89 34.71 6.12
N THR D 61 28.59 34.73 6.35
CA THR D 61 27.80 35.95 6.16
C THR D 61 28.44 37.16 6.85
N LEU D 62 28.73 37.02 8.14
CA LEU D 62 29.33 38.12 8.91
C LEU D 62 30.84 38.27 8.70
N ASN D 63 31.46 37.32 8.02
CA ASN D 63 32.89 37.39 7.73
C ASN D 63 33.68 37.36 9.04
N ILE D 64 33.49 36.30 9.80
CA ILE D 64 34.17 36.12 11.07
C ILE D 64 35.05 34.90 10.90
N GLN D 65 36.32 34.99 11.27
CA GLN D 65 37.23 33.86 11.12
C GLN D 65 37.18 32.91 12.31
N TYR D 66 37.51 31.65 12.07
CA TYR D 66 37.52 30.66 13.13
C TYR D 66 38.75 30.87 13.99
N GLY D 67 38.63 30.57 15.28
CA GLY D 67 39.78 30.72 16.16
C GLY D 67 40.90 29.85 15.63
N ASP D 68 40.56 28.60 15.32
CA ASP D 68 41.52 27.64 14.80
C ASP D 68 41.00 27.20 13.42
N SER D 69 41.77 27.48 12.39
CA SER D 69 41.41 27.13 11.02
C SER D 69 40.96 25.68 10.86
N ALA D 70 41.45 24.80 11.73
CA ALA D 70 41.07 23.39 11.67
C ALA D 70 39.56 23.21 11.73
N ARG D 71 38.86 24.20 12.28
CA ARG D 71 37.41 24.14 12.40
C ARG D 71 36.70 24.28 11.05
N GLN D 72 37.36 24.94 10.10
CA GLN D 72 36.76 25.10 8.77
C GLN D 72 36.41 23.74 8.18
N ASP D 73 37.29 22.77 8.38
CA ASP D 73 37.05 21.42 7.88
C ASP D 73 35.90 20.80 8.64
N ASP D 74 35.89 20.98 9.96
CA ASP D 74 34.82 20.44 10.79
C ASP D 74 33.48 20.98 10.32
N ALA D 75 33.42 22.29 10.10
CA ALA D 75 32.20 22.92 9.65
C ALA D 75 31.73 22.29 8.34
N ARG D 76 32.65 22.12 7.39
CA ARG D 76 32.29 21.52 6.11
C ARG D 76 31.68 20.15 6.32
N LYS D 77 32.33 19.34 7.15
CA LYS D 77 31.85 17.99 7.42
C LYS D 77 30.48 17.98 8.08
N LEU D 78 30.27 18.89 9.02
CA LEU D 78 28.99 18.99 9.71
C LEU D 78 27.87 19.29 8.71
N MET D 79 28.14 20.23 7.80
CA MET D 79 27.14 20.60 6.80
C MET D 79 26.81 19.46 5.84
N HIS D 80 27.76 18.54 5.65
CA HIS D 80 27.52 17.40 4.77
C HIS D 80 26.76 16.28 5.49
N MET D 81 27.07 16.07 6.76
CA MET D 81 26.38 15.04 7.53
C MET D 81 24.93 15.48 7.66
N ALA D 82 24.73 16.75 7.98
CA ALA D 82 23.39 17.31 8.15
C ALA D 82 22.53 17.01 6.93
N ASP D 83 23.19 16.99 5.77
CA ASP D 83 22.49 16.74 4.52
C ASP D 83 22.29 15.26 4.22
N THR D 84 22.89 14.38 5.01
CA THR D 84 22.76 12.95 4.76
C THR D 84 22.21 12.08 5.89
N ILE D 85 22.50 12.43 7.13
CA ILE D 85 22.01 11.63 8.26
C ILE D 85 20.49 11.66 8.36
N GLU D 86 19.94 10.82 9.24
CA GLU D 86 18.49 10.80 9.40
C GLU D 86 18.08 12.00 10.23
N GLU D 87 17.06 12.71 9.77
CA GLU D 87 16.57 13.90 10.46
C GLU D 87 16.18 13.55 11.90
N GLY D 88 16.53 14.45 12.83
CA GLY D 88 16.17 14.23 14.22
C GLY D 88 17.12 13.36 15.04
N THR D 89 18.25 12.96 14.45
CA THR D 89 19.21 12.12 15.18
C THR D 89 20.50 12.89 15.44
N MET D 90 21.33 12.34 16.32
CA MET D 90 22.58 12.99 16.69
C MET D 90 23.71 11.98 16.95
N PRO D 91 24.33 11.48 15.87
CA PRO D 91 25.44 10.51 15.89
C PRO D 91 26.67 11.06 16.59
N LYS D 92 27.46 10.18 17.20
CA LYS D 92 28.66 10.60 17.92
C LYS D 92 29.59 11.44 17.06
N GLU D 93 29.77 11.05 15.81
CA GLU D 93 30.65 11.79 14.92
C GLU D 93 30.12 13.21 14.69
N MET D 94 28.82 13.38 14.86
CA MET D 94 28.21 14.70 14.69
C MET D 94 28.34 15.51 15.97
N SER D 95 27.91 14.94 17.09
CA SER D 95 28.00 15.66 18.35
C SER D 95 29.45 16.04 18.64
N ASP D 96 30.38 15.15 18.29
CA ASP D 96 31.80 15.42 18.49
C ASP D 96 32.20 16.70 17.76
N ILE D 97 31.78 16.83 16.51
CA ILE D 97 32.09 18.01 15.72
C ILE D 97 31.46 19.27 16.31
N ILE D 98 30.21 19.15 16.77
CA ILE D 98 29.50 20.28 17.34
C ILE D 98 30.17 20.79 18.60
N GLN D 99 30.61 19.89 19.47
CA GLN D 99 31.29 20.32 20.69
C GLN D 99 32.57 21.08 20.38
N ARG D 100 33.34 20.61 19.40
CA ARG D 100 34.57 21.31 19.05
C ARG D 100 34.26 22.71 18.52
N LEU D 101 33.25 22.80 17.66
CA LEU D 101 32.85 24.09 17.10
C LEU D 101 32.37 25.05 18.17
N TRP D 102 31.56 24.55 19.09
CA TRP D 102 31.02 25.38 20.15
C TRP D 102 32.11 26.06 20.97
N LYS D 103 33.22 25.36 21.17
CA LYS D 103 34.33 25.91 21.95
C LYS D 103 35.29 26.83 21.18
N ASP D 104 35.04 27.03 19.90
CA ASP D 104 35.92 27.90 19.12
C ASP D 104 35.59 29.37 19.40
N SER D 105 36.63 30.19 19.53
CA SER D 105 36.45 31.60 19.81
C SER D 105 35.69 32.34 18.71
N GLY D 106 35.82 31.88 17.47
CA GLY D 106 35.14 32.53 16.37
C GLY D 106 33.66 32.23 16.41
N ILE D 107 33.34 30.97 16.67
CA ILE D 107 31.95 30.54 16.77
C ILE D 107 31.27 31.32 17.91
N GLN D 108 31.96 31.46 19.03
CA GLN D 108 31.41 32.20 20.17
C GLN D 108 31.19 33.66 19.83
N ALA D 109 32.15 34.27 19.13
CA ALA D 109 31.99 35.67 18.73
C ALA D 109 30.79 35.79 17.79
N CYS D 110 30.55 34.74 17.00
CA CYS D 110 29.43 34.76 16.08
C CYS D 110 28.13 34.57 16.86
N PHE D 111 28.17 33.64 17.83
CA PHE D 111 27.01 33.38 18.65
C PHE D 111 26.54 34.66 19.31
N ASP D 112 27.51 35.46 19.76
CA ASP D 112 27.18 36.73 20.43
C ASP D 112 26.55 37.75 19.52
N ARG D 113 26.62 37.53 18.21
CA ARG D 113 26.02 38.46 17.24
C ARG D 113 24.79 37.85 16.57
N ALA D 114 24.13 36.94 17.28
CA ALA D 114 22.95 36.26 16.75
C ALA D 114 21.87 37.23 16.28
N SER D 115 21.84 38.42 16.88
CA SER D 115 20.86 39.44 16.51
C SER D 115 20.97 39.81 15.04
N GLU D 116 22.12 39.50 14.44
CA GLU D 116 22.33 39.84 13.04
C GLU D 116 21.88 38.77 12.04
N TYR D 117 21.39 37.64 12.55
CA TYR D 117 20.88 36.59 11.68
C TYR D 117 19.73 35.91 12.40
N GLN D 118 19.29 34.77 11.91
CA GLN D 118 18.16 34.05 12.52
C GLN D 118 18.63 32.85 13.37
N LEU D 119 18.52 32.98 14.68
CA LEU D 119 18.97 31.90 15.57
C LEU D 119 17.96 31.59 16.67
N ASN D 120 17.70 30.31 16.87
CA ASN D 120 16.76 29.83 17.89
C ASN D 120 17.09 30.41 19.27
N ASP D 121 16.06 30.83 19.99
CA ASP D 121 16.23 31.38 21.34
C ASP D 121 17.03 30.41 22.22
N SER D 122 16.69 29.13 22.11
CA SER D 122 17.32 28.08 22.91
C SER D 122 18.66 27.55 22.40
N ALA D 123 19.25 28.21 21.41
CA ALA D 123 20.52 27.74 20.86
C ALA D 123 21.57 27.59 21.96
N GLY D 124 21.76 28.65 22.74
CA GLY D 124 22.72 28.61 23.82
C GLY D 124 22.41 27.52 24.84
N TYR D 125 21.15 27.45 25.27
CA TYR D 125 20.73 26.45 26.26
C TYR D 125 21.13 25.02 25.85
N TYR D 126 20.81 24.62 24.62
CA TYR D 126 21.14 23.26 24.18
C TYR D 126 22.60 23.02 23.81
N LEU D 127 23.21 23.93 23.06
CA LEU D 127 24.60 23.74 22.65
C LEU D 127 25.57 23.70 23.82
N SER D 128 25.34 24.53 24.83
CA SER D 128 26.22 24.55 25.98
C SER D 128 26.08 23.31 26.87
N ASP D 129 25.02 22.54 26.66
CA ASP D 129 24.80 21.36 27.50
C ASP D 129 24.62 20.10 26.63
N LEU D 130 25.31 20.07 25.50
CA LEU D 130 25.22 18.95 24.57
C LEU D 130 25.65 17.58 25.09
N GLU D 131 26.65 17.52 25.94
CA GLU D 131 27.08 16.21 26.46
C GLU D 131 25.91 15.49 27.16
N ARG D 132 25.25 16.18 28.07
CA ARG D 132 24.11 15.59 28.77
C ARG D 132 23.05 15.11 27.78
N LEU D 133 22.85 15.88 26.71
CA LEU D 133 21.84 15.56 25.71
C LEU D 133 22.12 14.29 24.90
N VAL D 134 23.39 13.98 24.66
CA VAL D 134 23.71 12.79 23.88
C VAL D 134 24.26 11.64 24.72
N THR D 135 24.18 11.79 26.04
CA THR D 135 24.65 10.75 26.96
C THR D 135 23.70 9.56 26.87
N PRO D 136 24.24 8.35 26.67
CA PRO D 136 23.40 7.15 26.58
C PRO D 136 22.26 7.16 27.62
N GLY D 137 21.05 6.84 27.16
CA GLY D 137 19.90 6.80 28.05
C GLY D 137 19.37 8.16 28.50
N TYR D 138 19.50 9.16 27.64
CA TYR D 138 19.04 10.51 27.96
C TYR D 138 17.53 10.65 27.93
N VAL D 139 16.99 11.39 28.89
CA VAL D 139 15.56 11.63 28.97
C VAL D 139 15.36 13.13 29.16
N PRO D 140 14.70 13.79 28.20
CA PRO D 140 14.43 15.23 28.24
C PRO D 140 13.77 15.67 29.54
N THR D 141 14.34 16.69 30.18
CA THR D 141 13.78 17.18 31.41
C THR D 141 12.66 18.15 31.06
N GLU D 142 11.91 18.55 32.07
CA GLU D 142 10.83 19.49 31.87
C GLU D 142 11.37 20.73 31.16
N GLN D 143 12.40 21.34 31.73
CA GLN D 143 13.00 22.53 31.16
C GLN D 143 13.43 22.29 29.70
N ASP D 144 13.90 21.08 29.41
CA ASP D 144 14.33 20.74 28.05
C ASP D 144 13.13 20.82 27.10
N VAL D 145 12.02 20.22 27.52
CA VAL D 145 10.80 20.22 26.72
C VAL D 145 10.32 21.66 26.51
N LEU D 146 10.25 22.43 27.58
CA LEU D 146 9.81 23.81 27.52
C LEU D 146 10.69 24.67 26.61
N ARG D 147 11.96 24.29 26.48
CA ARG D 147 12.92 25.04 25.64
C ARG D 147 12.88 24.62 24.17
N SER D 148 12.25 23.48 23.88
CA SER D 148 12.19 22.99 22.50
C SER D 148 11.36 23.91 21.61
N ARG D 149 11.73 23.93 20.33
CA ARG D 149 11.09 24.78 19.35
C ARG D 149 10.42 24.03 18.22
N VAL D 150 9.14 24.28 18.02
CA VAL D 150 8.36 23.68 16.94
C VAL D 150 7.41 24.79 16.51
N LYS D 151 7.48 25.17 15.23
CA LYS D 151 6.63 26.23 14.73
C LYS D 151 5.16 25.80 14.64
N THR D 152 4.28 26.58 15.25
CA THR D 152 2.88 26.24 15.21
C THR D 152 2.19 26.72 13.95
N THR D 153 1.33 25.88 13.39
CA THR D 153 0.57 26.25 12.23
C THR D 153 -0.88 25.87 12.52
N GLY D 154 -1.79 26.81 12.32
CA GLY D 154 -3.19 26.53 12.56
C GLY D 154 -3.69 27.02 13.91
N ILE D 155 -4.83 26.48 14.33
CA ILE D 155 -5.44 26.85 15.60
C ILE D 155 -5.64 25.58 16.41
N ILE D 156 -5.02 25.52 17.58
CA ILE D 156 -5.11 24.34 18.42
C ILE D 156 -5.74 24.67 19.75
N GLU D 157 -6.77 23.93 20.12
CA GLU D 157 -7.46 24.15 21.38
C GLU D 157 -6.98 23.18 22.44
N THR D 158 -7.05 23.62 23.69
CA THR D 158 -6.65 22.83 24.83
C THR D 158 -7.59 23.30 25.94
N GLN D 159 -8.01 22.39 26.80
CA GLN D 159 -8.91 22.78 27.87
C GLN D 159 -8.62 22.14 29.22
N PHE D 160 -8.90 22.89 30.27
CA PHE D 160 -8.69 22.46 31.63
C PHE D 160 -9.57 23.28 32.56
N SER D 161 -9.68 22.83 33.80
CA SER D 161 -10.47 23.53 34.80
C SER D 161 -9.53 24.09 35.86
N PHE D 162 -9.80 25.34 36.26
CA PHE D 162 -8.99 26.01 37.27
C PHE D 162 -9.87 27.04 37.97
N LYS D 163 -9.85 26.99 39.30
CA LYS D 163 -10.65 27.92 40.08
C LYS D 163 -12.10 27.68 39.67
N ASP D 164 -12.42 26.41 39.44
CA ASP D 164 -13.74 25.96 39.03
C ASP D 164 -14.25 26.58 37.73
N LEU D 165 -13.33 26.94 36.84
CA LEU D 165 -13.70 27.50 35.54
C LEU D 165 -13.22 26.54 34.48
N ASN D 166 -14.02 26.38 33.44
CA ASN D 166 -13.66 25.49 32.34
C ASN D 166 -12.97 26.33 31.29
N PHE D 167 -11.67 26.14 31.15
CA PHE D 167 -10.90 26.91 30.18
C PHE D 167 -10.78 26.27 28.81
N ARG D 168 -11.15 27.04 27.79
CA ARG D 168 -11.02 26.59 26.41
C ARG D 168 -9.90 27.50 25.90
N MET D 169 -8.68 26.98 25.92
CA MET D 169 -7.52 27.76 25.50
C MET D 169 -7.08 27.49 24.06
N PHE D 170 -7.02 28.56 23.27
CA PHE D 170 -6.64 28.45 21.87
C PHE D 170 -5.24 28.97 21.56
N ASP D 171 -4.41 28.08 21.04
CA ASP D 171 -3.02 28.41 20.68
C ASP D 171 -3.02 28.58 19.15
N VAL D 172 -2.43 29.66 18.65
CA VAL D 172 -2.39 29.88 17.20
C VAL D 172 -0.97 30.16 16.71
N GLY D 173 -0.79 30.15 15.38
CA GLY D 173 0.51 30.44 14.80
C GLY D 173 0.62 31.94 14.74
N GLY D 174 1.83 32.47 14.79
CA GLY D 174 2.01 33.91 14.81
C GLY D 174 2.56 34.58 13.57
N GLN D 175 3.10 33.82 12.62
CA GLN D 175 3.64 34.41 11.39
C GLN D 175 2.51 35.08 10.61
N ARG D 176 2.88 36.02 9.75
CA ARG D 176 1.90 36.76 8.96
C ARG D 176 0.88 35.91 8.21
N SER D 177 1.33 34.83 7.57
CA SER D 177 0.44 33.97 6.79
C SER D 177 -0.58 33.27 7.65
N GLU D 178 -0.24 33.10 8.92
CA GLU D 178 -1.08 32.37 9.87
C GLU D 178 -2.19 33.24 10.48
N ARG D 179 -2.04 34.57 10.43
CA ARG D 179 -3.02 35.46 11.04
C ARG D 179 -4.40 35.53 10.41
N LYS D 180 -4.51 35.31 9.12
CA LYS D 180 -5.84 35.36 8.53
C LYS D 180 -6.73 34.25 9.10
N LYS D 181 -6.12 33.18 9.58
CA LYS D 181 -6.90 32.08 10.15
C LYS D 181 -7.50 32.46 11.51
N TRP D 182 -6.90 33.46 12.16
CA TRP D 182 -7.35 33.89 13.48
C TRP D 182 -8.84 34.19 13.60
N ILE D 183 -9.44 34.72 12.55
CA ILE D 183 -10.85 35.07 12.60
C ILE D 183 -11.72 33.90 13.05
N HIS D 184 -11.30 32.68 12.71
CA HIS D 184 -12.08 31.51 13.07
C HIS D 184 -12.25 31.25 14.57
N CYS D 185 -11.56 32.01 15.40
CA CYS D 185 -11.71 31.83 16.85
C CYS D 185 -11.89 33.14 17.58
N PHE D 186 -12.25 34.19 16.83
CA PHE D 186 -12.46 35.50 17.42
C PHE D 186 -13.84 35.67 18.08
N GLU D 187 -14.77 34.75 17.81
CA GLU D 187 -16.11 34.85 18.35
C GLU D 187 -16.26 34.53 19.85
N GLY D 188 -16.87 35.45 20.57
CA GLY D 188 -17.10 35.27 21.99
C GLY D 188 -15.87 34.93 22.82
N VAL D 189 -14.86 35.79 22.76
CA VAL D 189 -13.63 35.55 23.53
C VAL D 189 -13.72 36.27 24.87
N THR D 190 -13.52 35.51 25.95
CA THR D 190 -13.57 36.07 27.29
C THR D 190 -12.31 36.88 27.57
N ALA D 191 -11.15 36.28 27.33
CA ALA D 191 -9.89 36.98 27.57
C ALA D 191 -8.83 36.66 26.52
N ILE D 192 -7.94 37.62 26.32
CA ILE D 192 -6.85 37.50 25.36
C ILE D 192 -5.51 37.77 26.02
N ILE D 193 -4.61 36.80 25.96
CA ILE D 193 -3.27 36.98 26.49
C ILE D 193 -2.40 37.27 25.27
N PHE D 194 -1.88 38.49 25.19
CA PHE D 194 -1.03 38.85 24.06
C PHE D 194 0.43 38.73 24.43
N CYS D 195 1.14 37.84 23.76
CA CYS D 195 2.55 37.62 24.02
C CYS D 195 3.47 38.49 23.18
N VAL D 196 4.42 39.11 23.86
CA VAL D 196 5.39 39.96 23.22
C VAL D 196 6.75 39.54 23.73
N ALA D 197 7.71 39.38 22.83
CA ALA D 197 9.05 38.98 23.22
C ALA D 197 9.84 40.24 23.49
N LEU D 198 10.18 40.48 24.75
CA LEU D 198 10.95 41.67 25.12
C LEU D 198 12.27 41.72 24.35
N SER D 199 12.95 40.59 24.31
CA SER D 199 14.24 40.48 23.64
C SER D 199 14.24 40.65 22.13
N ASP D 200 13.08 40.88 21.52
CA ASP D 200 13.02 41.05 20.06
C ASP D 200 13.29 42.46 19.57
N TYR D 201 13.53 43.40 20.48
CA TYR D 201 13.75 44.79 20.07
C TYR D 201 14.87 45.00 19.07
N ASP D 202 15.82 44.08 18.99
CA ASP D 202 16.89 44.27 17.99
C ASP D 202 16.94 43.18 16.93
N LEU D 203 15.85 42.42 16.79
CA LEU D 203 15.78 41.34 15.81
C LEU D 203 14.88 41.70 14.63
N VAL D 204 15.00 40.94 13.54
CA VAL D 204 14.17 41.17 12.37
C VAL D 204 13.33 39.92 12.12
N LEU D 205 12.18 40.11 11.48
CA LEU D 205 11.28 39.00 11.17
C LEU D 205 11.92 37.96 10.27
N ALA D 206 11.65 36.69 10.57
CA ALA D 206 12.20 35.59 9.76
C ALA D 206 11.49 35.58 8.40
N GLU D 207 10.25 36.06 8.35
CA GLU D 207 9.50 36.08 7.10
C GLU D 207 9.77 37.33 6.28
N ASP D 208 10.35 38.35 6.92
CA ASP D 208 10.66 39.62 6.25
C ASP D 208 11.79 40.29 7.01
N GLU D 209 13.02 39.93 6.65
CA GLU D 209 14.23 40.41 7.31
C GLU D 209 14.57 41.89 7.16
N GLU D 210 13.56 42.74 7.01
CA GLU D 210 13.81 44.16 6.92
C GLU D 210 12.87 44.85 7.90
N MET D 211 12.03 44.04 8.55
CA MET D 211 11.07 44.53 9.52
C MET D 211 11.49 44.12 10.93
N ASN D 212 11.59 45.10 11.83
CA ASN D 212 11.98 44.84 13.21
C ASN D 212 10.86 44.07 13.93
N ARG D 213 11.22 43.01 14.66
CA ARG D 213 10.21 42.21 15.34
C ARG D 213 9.37 42.99 16.34
N MET D 214 10.00 43.90 17.07
CA MET D 214 9.29 44.70 18.06
C MET D 214 8.22 45.53 17.35
N HIS D 215 8.59 46.16 16.25
CA HIS D 215 7.65 46.97 15.48
C HIS D 215 6.47 46.15 15.00
N GLU D 216 6.75 44.94 14.51
CA GLU D 216 5.70 44.07 14.02
C GLU D 216 4.72 43.82 15.16
N SER D 217 5.25 43.40 16.31
CA SER D 217 4.43 43.11 17.48
C SER D 217 3.58 44.31 17.87
N MET D 218 4.13 45.51 17.78
CA MET D 218 3.38 46.70 18.14
C MET D 218 2.19 46.89 17.19
N LYS D 219 2.46 46.87 15.89
CA LYS D 219 1.40 47.04 14.91
C LYS D 219 0.33 45.95 15.09
N LEU D 220 0.75 44.75 15.49
CA LEU D 220 -0.20 43.67 15.68
C LEU D 220 -1.05 43.93 16.92
N PHE D 221 -0.40 44.32 18.02
CA PHE D 221 -1.12 44.58 19.27
C PHE D 221 -2.16 45.68 19.10
N ASP D 222 -1.82 46.68 18.30
CA ASP D 222 -2.71 47.81 18.06
C ASP D 222 -4.01 47.36 17.39
N SER D 223 -3.88 46.51 16.37
CA SER D 223 -5.04 46.02 15.64
C SER D 223 -5.86 44.99 16.43
N ILE D 224 -5.26 44.42 17.47
CA ILE D 224 -5.97 43.45 18.29
C ILE D 224 -6.57 44.17 19.49
N CYS D 225 -5.86 45.20 19.94
CA CYS D 225 -6.30 45.99 21.07
C CYS D 225 -7.59 46.73 20.72
N ASN D 226 -7.52 47.59 19.71
CA ASN D 226 -8.66 48.37 19.26
C ASN D 226 -9.46 47.59 18.22
N ASN D 227 -9.88 46.38 18.59
CA ASN D 227 -10.65 45.53 17.68
C ASN D 227 -12.06 45.32 18.25
N LYS D 228 -13.07 45.68 17.46
CA LYS D 228 -14.45 45.54 17.90
C LYS D 228 -14.82 44.16 18.39
N TRP D 229 -14.07 43.14 17.97
CA TRP D 229 -14.38 41.78 18.43
C TRP D 229 -14.04 41.60 19.92
N PHE D 230 -13.19 42.47 20.45
CA PHE D 230 -12.77 42.35 21.84
C PHE D 230 -13.06 43.55 22.73
N THR D 231 -13.83 44.51 22.22
CA THR D 231 -14.16 45.70 23.00
C THR D 231 -14.70 45.34 24.38
N ASP D 232 -15.05 44.07 24.57
CA ASP D 232 -15.58 43.62 25.85
C ASP D 232 -14.80 42.42 26.38
N THR D 233 -13.58 42.24 25.87
CA THR D 233 -12.75 41.12 26.30
C THR D 233 -11.66 41.62 27.24
N SER D 234 -11.23 40.77 28.17
CA SER D 234 -10.18 41.14 29.11
C SER D 234 -8.83 40.89 28.44
N ILE D 235 -8.11 41.96 28.14
CA ILE D 235 -6.81 41.84 27.49
C ILE D 235 -5.62 41.96 28.45
N ILE D 236 -4.85 40.88 28.57
CA ILE D 236 -3.67 40.85 29.42
C ILE D 236 -2.41 40.74 28.55
N LEU D 237 -1.58 41.78 28.62
CA LEU D 237 -0.33 41.83 27.85
C LEU D 237 0.77 41.08 28.58
N PHE D 238 1.51 40.25 27.85
CA PHE D 238 2.62 39.47 28.42
C PHE D 238 3.95 39.90 27.85
N LEU D 239 4.72 40.67 28.61
CA LEU D 239 6.03 41.09 28.14
C LEU D 239 6.94 39.91 28.52
N ASN D 240 7.00 38.95 27.61
CA ASN D 240 7.75 37.71 27.82
C ASN D 240 9.25 37.77 27.50
N LYS D 241 9.94 36.69 27.83
CA LYS D 241 11.38 36.59 27.61
C LYS D 241 12.15 37.65 28.41
N LYS D 242 11.71 37.89 29.65
CA LYS D 242 12.37 38.87 30.50
C LYS D 242 13.79 38.42 30.83
N ASP D 243 14.00 37.12 30.94
CA ASP D 243 15.32 36.59 31.23
C ASP D 243 16.32 36.90 30.11
N LEU D 244 15.90 36.69 28.86
CA LEU D 244 16.79 36.97 27.73
C LEU D 244 16.98 38.47 27.59
N PHE D 245 15.91 39.21 27.87
CA PHE D 245 15.94 40.66 27.77
C PHE D 245 16.93 41.26 28.78
N GLU D 246 16.97 40.70 29.99
CA GLU D 246 17.86 41.21 31.02
C GLU D 246 19.32 41.13 30.58
N GLU D 247 19.70 40.00 29.99
CA GLU D 247 21.08 39.82 29.53
C GLU D 247 21.38 40.67 28.31
N LYS D 248 20.44 40.75 27.40
CA LYS D 248 20.65 41.49 26.16
C LYS D 248 20.71 43.01 26.30
N ILE D 249 19.91 43.59 27.17
CA ILE D 249 19.92 45.05 27.29
C ILE D 249 21.28 45.57 27.77
N LYS D 250 22.08 44.69 28.37
CA LYS D 250 23.42 45.07 28.85
C LYS D 250 24.38 45.26 27.67
N LYS D 251 24.09 44.59 26.55
CA LYS D 251 24.95 44.66 25.38
C LYS D 251 24.38 45.45 24.20
N SER D 252 23.07 45.38 24.00
CA SER D 252 22.43 46.08 22.89
C SER D 252 21.51 47.19 23.37
N PRO D 253 21.62 48.39 22.78
CA PRO D 253 20.80 49.56 23.13
C PRO D 253 19.36 49.52 22.61
N LEU D 254 18.43 49.82 23.50
CA LEU D 254 17.01 49.85 23.14
C LEU D 254 16.79 50.81 22.00
N THR D 255 17.80 51.65 21.74
CA THR D 255 17.74 52.66 20.68
C THR D 255 17.70 52.09 19.26
N ILE D 256 18.09 50.83 19.10
CA ILE D 256 18.08 50.21 17.78
C ILE D 256 16.62 50.09 17.33
N CYS D 257 15.74 49.90 18.31
CA CYS D 257 14.31 49.79 18.06
C CYS D 257 13.62 51.14 18.12
N TYR D 258 13.78 51.85 19.25
CA TYR D 258 13.18 53.17 19.44
C TYR D 258 14.25 54.24 19.46
N PRO D 259 14.32 55.06 18.40
CA PRO D 259 15.35 56.11 18.37
C PRO D 259 15.02 57.21 19.39
N GLU D 260 13.73 57.47 19.58
CA GLU D 260 13.28 58.50 20.51
C GLU D 260 13.52 58.13 21.97
N TYR D 261 14.33 57.12 22.19
CA TYR D 261 14.62 56.70 23.55
C TYR D 261 15.86 57.41 24.09
N ALA D 262 15.71 58.01 25.27
CA ALA D 262 16.79 58.75 25.90
C ALA D 262 17.16 58.16 27.25
N GLY D 263 16.34 57.25 27.74
CA GLY D 263 16.61 56.62 29.03
C GLY D 263 17.85 55.76 29.01
N SER D 264 18.06 55.02 30.11
CA SER D 264 19.21 54.14 30.24
C SER D 264 18.88 52.71 29.79
N ASN D 265 19.74 51.76 30.17
CA ASN D 265 19.57 50.37 29.77
C ASN D 265 19.52 49.41 30.95
N THR D 266 18.38 49.36 31.62
CA THR D 266 18.20 48.50 32.79
C THR D 266 17.02 47.57 32.63
N TYR D 267 17.07 46.41 33.26
CA TYR D 267 15.96 45.48 33.20
C TYR D 267 14.70 46.24 33.60
N GLU D 268 14.84 47.07 34.63
CA GLU D 268 13.74 47.89 35.14
C GLU D 268 13.46 49.08 34.21
N GLU D 269 14.50 49.85 33.92
CA GLU D 269 14.39 51.01 33.04
C GLU D 269 13.74 50.69 31.69
N ALA D 270 14.53 50.17 30.76
CA ALA D 270 14.05 49.81 29.42
C ALA D 270 12.83 48.89 29.44
N GLY D 271 12.74 48.05 30.47
CA GLY D 271 11.60 47.14 30.58
C GLY D 271 10.28 47.86 30.77
N ASN D 272 10.34 49.17 31.03
CA ASN D 272 9.13 49.95 31.24
C ASN D 272 8.81 50.84 30.06
N TYR D 273 9.84 51.34 29.37
CA TYR D 273 9.61 52.20 28.22
C TYR D 273 8.94 51.36 27.12
N ILE D 274 9.23 50.06 27.14
CA ILE D 274 8.66 49.13 26.16
C ILE D 274 7.18 48.92 26.52
N LYS D 275 6.96 48.49 27.76
CA LYS D 275 5.63 48.25 28.28
C LYS D 275 4.69 49.43 28.02
N VAL D 276 5.22 50.64 28.11
CA VAL D 276 4.40 51.82 27.90
C VAL D 276 4.14 52.08 26.42
N GLN D 277 5.06 51.70 25.55
CA GLN D 277 4.85 51.92 24.12
C GLN D 277 3.66 51.11 23.63
N PHE D 278 3.40 49.98 24.27
CA PHE D 278 2.29 49.11 23.91
C PHE D 278 0.98 49.56 24.56
N LEU D 279 1.02 49.82 25.86
CA LEU D 279 -0.17 50.26 26.58
C LEU D 279 -0.74 51.57 26.04
N GLU D 280 0.09 52.30 25.31
CA GLU D 280 -0.31 53.59 24.73
C GLU D 280 -0.93 53.41 23.35
N LEU D 281 -1.15 52.16 22.96
CA LEU D 281 -1.75 51.86 21.66
C LEU D 281 -3.24 51.62 21.86
N ASN D 282 -3.64 51.50 23.12
CA ASN D 282 -5.03 51.27 23.50
C ASN D 282 -5.85 52.56 23.44
N MET D 283 -6.74 52.65 22.46
CA MET D 283 -7.59 53.84 22.29
C MET D 283 -8.54 54.05 23.45
N ARG D 284 -9.24 53.00 23.86
CA ARG D 284 -10.17 53.08 24.98
C ARG D 284 -9.35 53.11 26.27
N ARG D 285 -8.18 53.73 26.18
CA ARG D 285 -7.26 53.84 27.31
C ARG D 285 -7.94 54.42 28.54
N ASP D 286 -8.71 55.48 28.33
CA ASP D 286 -9.43 56.16 29.39
C ASP D 286 -10.78 55.51 29.67
N VAL D 287 -10.88 54.21 29.36
CA VAL D 287 -12.11 53.46 29.57
C VAL D 287 -11.78 52.00 29.89
N LYS D 288 -10.99 51.38 29.01
CA LYS D 288 -10.59 49.98 29.16
C LYS D 288 -9.11 49.88 29.57
N GLU D 289 -8.84 49.12 30.63
CA GLU D 289 -7.49 48.97 31.13
C GLU D 289 -6.84 47.65 30.71
N ILE D 290 -5.76 47.74 29.94
CA ILE D 290 -5.02 46.57 29.50
C ILE D 290 -4.01 46.23 30.59
N TYR D 291 -4.09 45.02 31.14
CA TYR D 291 -3.16 44.59 32.18
C TYR D 291 -1.82 44.18 31.55
N SER D 292 -0.91 43.68 32.38
CA SER D 292 0.40 43.24 31.88
C SER D 292 1.25 42.64 33.00
N HIS D 293 2.17 41.77 32.60
CA HIS D 293 3.08 41.10 33.52
C HIS D 293 4.41 40.78 32.84
N MET D 294 5.50 40.93 33.59
CA MET D 294 6.83 40.60 33.08
C MET D 294 6.88 39.11 33.28
N THR D 295 7.08 38.36 32.20
CA THR D 295 7.10 36.92 32.34
C THR D 295 8.26 36.23 31.65
N CYS D 296 8.52 35.01 32.08
CA CYS D 296 9.53 34.14 31.51
C CYS D 296 8.76 32.85 31.33
N ALA D 297 8.28 32.63 30.11
CA ALA D 297 7.47 31.46 29.79
C ALA D 297 8.10 30.10 30.10
N THR D 298 9.43 30.02 30.09
CA THR D 298 10.06 28.75 30.40
C THR D 298 10.19 28.51 31.91
N ASP D 299 9.85 29.52 32.69
CA ASP D 299 9.91 29.42 34.16
C ASP D 299 8.53 29.00 34.66
N THR D 300 8.39 27.72 35.00
CA THR D 300 7.12 27.16 35.48
C THR D 300 6.52 27.87 36.68
N GLN D 301 7.36 28.27 37.61
CA GLN D 301 6.88 28.94 38.81
C GLN D 301 6.37 30.34 38.49
N ASN D 302 7.04 31.02 37.57
CA ASN D 302 6.64 32.36 37.18
C ASN D 302 5.32 32.34 36.39
N VAL D 303 5.12 31.30 35.59
CA VAL D 303 3.91 31.19 34.80
C VAL D 303 2.73 30.95 35.71
N LYS D 304 2.93 30.07 36.69
CA LYS D 304 1.90 29.74 37.65
C LYS D 304 1.38 31.01 38.30
N PHE D 305 2.30 31.88 38.71
CA PHE D 305 1.92 33.12 39.35
C PHE D 305 1.13 34.04 38.43
N VAL D 306 1.71 34.35 37.26
CA VAL D 306 1.03 35.23 36.32
C VAL D 306 -0.28 34.68 35.81
N PHE D 307 -0.41 33.37 35.71
CA PHE D 307 -1.68 32.83 35.23
C PHE D 307 -2.74 33.04 36.30
N ASP D 308 -2.39 32.72 37.54
CA ASP D 308 -3.31 32.90 38.65
C ASP D 308 -3.77 34.35 38.63
N ALA D 309 -2.83 35.27 38.40
CA ALA D 309 -3.15 36.70 38.35
C ALA D 309 -4.16 36.97 37.25
N VAL D 310 -3.91 36.42 36.06
CA VAL D 310 -4.79 36.59 34.91
C VAL D 310 -6.20 36.12 35.27
N THR D 311 -6.29 34.95 35.89
CA THR D 311 -7.58 34.40 36.29
C THR D 311 -8.32 35.42 37.15
N ASP D 312 -7.75 35.73 38.30
CA ASP D 312 -8.34 36.70 39.22
C ASP D 312 -8.87 37.91 38.47
N ILE D 313 -8.14 38.32 37.43
CA ILE D 313 -8.54 39.47 36.63
C ILE D 313 -9.86 39.17 35.90
N ILE D 314 -9.88 38.06 35.16
CA ILE D 314 -11.08 37.66 34.44
C ILE D 314 -12.26 37.60 35.40
N ILE D 315 -12.11 36.82 36.46
CA ILE D 315 -13.15 36.65 37.47
C ILE D 315 -13.80 37.97 37.87
N LYS D 316 -12.98 38.95 38.23
CA LYS D 316 -13.50 40.26 38.63
C LYS D 316 -14.23 41.00 37.52
N GLU D 317 -14.56 40.28 36.45
CA GLU D 317 -15.25 40.88 35.31
C GLU D 317 -16.21 39.89 34.64
N PHE E 2 -5.49 -3.26 -21.84
CA PHE E 2 -6.67 -3.68 -22.67
C PHE E 2 -7.97 -3.17 -22.03
N TRP E 3 -8.08 -3.31 -20.71
CA TRP E 3 -9.27 -2.86 -19.98
C TRP E 3 -8.86 -2.07 -18.75
N ASP E 4 -9.16 -0.77 -18.72
CA ASP E 4 -8.81 0.08 -17.59
C ASP E 4 -9.49 -0.41 -16.30
N LEU E 5 -8.85 -0.18 -15.16
CA LEU E 5 -9.41 -0.58 -13.87
C LEU E 5 -10.35 0.49 -13.33
N ASN E 6 -11.43 0.04 -12.69
CA ASN E 6 -12.41 0.94 -12.13
C ASN E 6 -11.72 1.89 -11.14
N ALA E 7 -11.74 3.19 -11.43
CA ALA E 7 -11.11 4.17 -10.56
C ALA E 7 -12.06 4.67 -9.48
N LYS E 8 -13.36 4.51 -9.71
CA LYS E 8 -14.38 4.94 -8.77
C LYS E 8 -14.62 3.99 -7.59
N LEU E 9 -13.76 2.98 -7.44
CA LEU E 9 -13.90 2.04 -6.33
C LEU E 9 -13.33 2.67 -5.07
N VAL E 10 -14.10 2.62 -3.99
CA VAL E 10 -13.65 3.19 -2.73
C VAL E 10 -12.44 2.43 -2.18
N ASP E 11 -11.46 3.18 -1.69
CA ASP E 11 -10.26 2.56 -1.13
C ASP E 11 -10.41 2.39 0.37
N ILE E 12 -10.63 1.15 0.81
CA ILE E 12 -10.77 0.87 2.23
C ILE E 12 -9.50 0.19 2.71
N PRO E 13 -8.67 0.93 3.46
CA PRO E 13 -7.38 0.45 4.02
C PRO E 13 -7.51 -0.73 4.96
N THR E 14 -6.54 -1.64 4.90
CA THR E 14 -6.49 -2.80 5.79
C THR E 14 -5.94 -2.28 7.13
N LYS E 15 -6.10 -3.07 8.20
CA LYS E 15 -5.61 -2.66 9.51
C LYS E 15 -4.09 -2.47 9.50
N MET E 16 -3.37 -3.42 8.92
CA MET E 16 -1.92 -3.33 8.84
C MET E 16 -1.50 -2.04 8.13
N ARG E 17 -2.31 -1.61 7.17
CA ARG E 17 -2.01 -0.40 6.41
C ARG E 17 -2.20 0.84 7.27
N VAL E 18 -3.29 0.88 8.02
CA VAL E 18 -3.59 2.00 8.89
C VAL E 18 -2.58 2.05 10.04
N GLU E 19 -2.12 0.88 10.45
CA GLU E 19 -1.15 0.80 11.54
C GLU E 19 0.22 1.31 11.11
N ARG E 20 0.58 1.08 9.85
CA ARG E 20 1.86 1.55 9.35
C ARG E 20 1.94 3.09 9.29
N TRP E 21 0.78 3.74 9.21
CA TRP E 21 0.74 5.21 9.17
C TRP E 21 1.36 5.80 10.44
N ALA E 22 1.38 5.01 11.51
CA ALA E 22 1.94 5.45 12.78
C ALA E 22 3.42 5.09 12.88
N PHE E 23 3.95 4.39 11.89
CA PHE E 23 5.36 4.00 11.90
C PHE E 23 6.24 5.24 11.70
N ASN E 24 5.74 6.20 10.93
CA ASN E 24 6.46 7.45 10.69
C ASN E 24 5.70 8.28 9.66
N PHE E 25 5.88 9.60 9.72
CA PHE E 25 5.19 10.53 8.84
C PHE E 25 5.22 10.18 7.36
N SER E 26 6.35 9.65 6.89
CA SER E 26 6.48 9.30 5.48
C SER E 26 5.44 8.30 5.02
N GLU E 27 5.12 7.33 5.89
CA GLU E 27 4.14 6.31 5.54
C GLU E 27 2.74 6.90 5.47
N LEU E 28 2.44 7.85 6.35
CA LEU E 28 1.13 8.48 6.33
C LEU E 28 0.96 9.39 5.10
N ILE E 29 1.86 10.35 4.94
CA ILE E 29 1.72 11.29 3.82
C ILE E 29 1.90 10.72 2.42
N ARG E 30 2.54 9.56 2.30
CA ARG E 30 2.73 8.97 0.99
C ARG E 30 1.66 7.92 0.69
N ASP E 31 0.55 8.00 1.42
CA ASP E 31 -0.57 7.09 1.23
C ASP E 31 -1.79 7.95 0.94
N PRO E 32 -2.45 7.69 -0.21
CA PRO E 32 -3.64 8.41 -0.66
C PRO E 32 -4.70 8.54 0.44
N LYS E 33 -4.94 7.43 1.14
CA LYS E 33 -5.94 7.44 2.20
C LYS E 33 -5.38 8.07 3.46
N GLY E 34 -4.08 7.93 3.66
CA GLY E 34 -3.46 8.53 4.83
C GLY E 34 -3.64 10.03 4.74
N ARG E 35 -3.30 10.59 3.58
CA ARG E 35 -3.43 12.02 3.37
C ARG E 35 -4.87 12.48 3.56
N GLN E 36 -5.80 11.74 2.96
CA GLN E 36 -7.20 12.06 3.08
C GLN E 36 -7.66 12.13 4.55
N SER E 37 -7.21 11.19 5.36
CA SER E 37 -7.57 11.15 6.77
C SER E 37 -6.89 12.31 7.48
N PHE E 38 -5.61 12.51 7.15
CA PHE E 38 -4.83 13.58 7.74
C PHE E 38 -5.44 14.94 7.43
N GLN E 39 -5.86 15.16 6.18
CA GLN E 39 -6.44 16.46 5.82
C GLN E 39 -7.72 16.71 6.60
N HIS E 40 -8.40 15.64 6.99
CA HIS E 40 -9.64 15.76 7.76
C HIS E 40 -9.26 16.38 9.11
N PHE E 41 -8.09 16.01 9.60
CA PHE E 41 -7.55 16.49 10.87
C PHE E 41 -7.07 17.93 10.68
N LEU E 42 -6.27 18.16 9.64
CA LEU E 42 -5.76 19.50 9.36
C LEU E 42 -6.84 20.56 9.23
N ARG E 43 -7.92 20.25 8.48
CA ARG E 43 -8.98 21.25 8.31
C ARG E 43 -9.62 21.69 9.61
N LYS E 44 -9.77 20.78 10.58
CA LYS E 44 -10.36 21.17 11.85
C LYS E 44 -9.41 22.10 12.63
N GLU E 45 -8.14 22.12 12.24
CA GLU E 45 -7.17 22.99 12.90
C GLU E 45 -6.77 24.15 12.00
N PHE E 46 -7.51 24.31 10.91
CA PHE E 46 -7.25 25.38 9.94
C PHE E 46 -5.81 25.43 9.47
N SER E 47 -5.27 24.28 9.07
CA SER E 47 -3.92 24.24 8.55
C SER E 47 -3.87 23.32 7.33
N GLY E 48 -5.01 23.18 6.66
CA GLY E 48 -5.07 22.30 5.50
C GLY E 48 -4.26 22.75 4.30
N GLU E 49 -3.92 24.04 4.24
CA GLU E 49 -3.15 24.55 3.11
C GLU E 49 -1.80 23.86 3.00
N ASN E 50 -1.29 23.37 4.13
CA ASN E 50 0.01 22.71 4.11
C ASN E 50 0.00 21.42 3.31
N LEU E 51 -1.03 20.61 3.49
CA LEU E 51 -1.11 19.35 2.77
C LEU E 51 -1.51 19.62 1.32
N GLY E 52 -2.28 20.68 1.11
CA GLY E 52 -2.68 21.04 -0.25
C GLY E 52 -1.47 21.49 -1.05
N PHE E 53 -0.59 22.26 -0.41
CA PHE E 53 0.62 22.75 -1.08
C PHE E 53 1.57 21.57 -1.36
N TRP E 54 1.63 20.64 -0.42
CA TRP E 54 2.54 19.51 -0.62
C TRP E 54 2.11 18.69 -1.82
N GLU E 55 0.81 18.39 -1.89
CA GLU E 55 0.26 17.61 -3.00
C GLU E 55 0.44 18.36 -4.31
N ALA E 56 0.32 19.67 -4.27
CA ALA E 56 0.47 20.47 -5.48
C ALA E 56 1.90 20.33 -5.99
N CYS E 57 2.87 20.45 -5.08
CA CYS E 57 4.27 20.31 -5.46
C CYS E 57 4.51 18.94 -6.06
N GLU E 58 3.97 17.91 -5.42
CA GLU E 58 4.14 16.55 -5.89
C GLU E 58 3.54 16.39 -7.29
N ASP E 59 2.39 17.02 -7.53
CA ASP E 59 1.75 16.95 -8.82
C ASP E 59 2.62 17.64 -9.87
N LEU E 60 3.08 18.84 -9.56
CA LEU E 60 3.92 19.61 -10.47
C LEU E 60 5.15 18.84 -10.98
N LYS E 61 5.80 18.08 -10.11
CA LYS E 61 6.99 17.37 -10.56
C LYS E 61 6.80 15.98 -11.14
N TYR E 62 5.66 15.34 -10.88
CA TYR E 62 5.42 14.01 -11.43
C TYR E 62 4.31 14.00 -12.47
N GLY E 63 3.65 15.14 -12.65
CA GLY E 63 2.58 15.22 -13.61
C GLY E 63 3.04 15.55 -15.02
N ASP E 64 2.15 16.14 -15.80
CA ASP E 64 2.46 16.50 -17.18
C ASP E 64 3.51 17.60 -17.23
N GLN E 65 4.72 17.22 -17.61
CA GLN E 65 5.82 18.17 -17.68
C GLN E 65 5.63 19.31 -18.67
N SER E 66 4.63 19.22 -19.53
CA SER E 66 4.39 20.28 -20.50
C SER E 66 3.64 21.45 -19.87
N LYS E 67 3.13 21.24 -18.67
CA LYS E 67 2.38 22.28 -17.97
C LYS E 67 3.07 22.79 -16.70
N VAL E 68 4.35 22.46 -16.55
CA VAL E 68 5.12 22.88 -15.40
C VAL E 68 4.99 24.39 -15.15
N LYS E 69 5.20 25.18 -16.20
CA LYS E 69 5.11 26.63 -16.08
C LYS E 69 3.74 27.10 -15.56
N GLU E 70 2.68 26.57 -16.16
CA GLU E 70 1.32 26.94 -15.76
C GLU E 70 1.06 26.57 -14.31
N LYS E 71 1.44 25.34 -13.94
CA LYS E 71 1.23 24.86 -12.58
C LYS E 71 2.01 25.69 -11.56
N ALA E 72 3.26 26.00 -11.88
CA ALA E 72 4.10 26.79 -10.98
C ALA E 72 3.46 28.14 -10.76
N GLU E 73 2.98 28.76 -11.83
CA GLU E 73 2.34 30.07 -11.72
C GLU E 73 1.10 30.00 -10.84
N GLU E 74 0.30 28.95 -11.02
CA GLU E 74 -0.92 28.77 -10.25
C GLU E 74 -0.61 28.48 -8.78
N ILE E 75 0.42 27.67 -8.54
CA ILE E 75 0.80 27.33 -7.18
C ILE E 75 1.26 28.59 -6.46
N TYR E 76 1.97 29.46 -7.17
CA TYR E 76 2.44 30.69 -6.56
C TYR E 76 1.28 31.59 -6.10
N LYS E 77 0.32 31.82 -6.98
CA LYS E 77 -0.79 32.70 -6.65
C LYS E 77 -1.71 32.13 -5.59
N LEU E 78 -1.81 30.81 -5.52
CA LEU E 78 -2.69 30.19 -4.54
C LEU E 78 -2.09 29.97 -3.15
N PHE E 79 -0.81 29.62 -3.11
CA PHE E 79 -0.16 29.32 -1.84
C PHE E 79 0.99 30.22 -1.40
N LEU E 80 1.70 30.83 -2.35
CA LEU E 80 2.87 31.63 -2.01
C LEU E 80 2.78 33.13 -1.89
N ALA E 81 2.03 33.76 -2.78
CA ALA E 81 1.92 35.22 -2.77
C ALA E 81 1.31 35.79 -1.49
N PRO E 82 1.76 36.97 -1.08
CA PRO E 82 1.24 37.61 0.13
C PRO E 82 -0.28 37.72 0.00
N GLY E 83 -1.00 37.27 1.03
CA GLY E 83 -2.46 37.33 0.97
C GLY E 83 -3.12 36.22 0.17
N ALA E 84 -2.34 35.25 -0.30
CA ALA E 84 -2.90 34.14 -1.08
C ALA E 84 -4.00 33.48 -0.28
N ARG E 85 -5.00 32.95 -0.98
CA ARG E 85 -6.14 32.29 -0.33
C ARG E 85 -5.65 31.19 0.62
N ARG E 86 -4.68 30.41 0.17
CA ARG E 86 -4.13 29.31 0.99
C ARG E 86 -2.67 29.58 1.35
N TRP E 87 -2.38 30.83 1.70
CA TRP E 87 -1.03 31.30 2.07
C TRP E 87 -0.33 30.36 3.06
N ILE E 88 0.79 29.78 2.65
CA ILE E 88 1.53 28.86 3.51
C ILE E 88 2.56 29.58 4.35
N ASN E 89 2.97 28.93 5.44
CA ASN E 89 3.93 29.48 6.41
C ASN E 89 5.41 29.10 6.16
N ILE E 90 6.14 29.89 5.37
CA ILE E 90 7.55 29.60 5.13
C ILE E 90 8.36 30.85 5.44
N ASP E 91 9.64 30.66 5.74
CA ASP E 91 10.51 31.77 6.08
C ASP E 91 10.94 32.59 4.86
N GLY E 92 11.46 33.79 5.14
CA GLY E 92 11.91 34.67 4.07
C GLY E 92 13.01 34.06 3.21
N LYS E 93 13.92 33.33 3.84
CA LYS E 93 15.02 32.68 3.10
C LYS E 93 14.46 31.72 2.06
N THR E 94 13.53 30.86 2.49
CA THR E 94 12.94 29.88 1.60
C THR E 94 12.09 30.53 0.51
N MET E 95 11.28 31.52 0.89
CA MET E 95 10.42 32.21 -0.06
C MET E 95 11.29 32.89 -1.11
N ASP E 96 12.38 33.51 -0.67
CA ASP E 96 13.30 34.19 -1.58
C ASP E 96 13.90 33.20 -2.57
N ILE E 97 14.37 32.06 -2.07
CA ILE E 97 14.94 31.03 -2.95
C ILE E 97 13.89 30.59 -3.98
N THR E 98 12.68 30.40 -3.50
CA THR E 98 11.56 29.97 -4.33
C THR E 98 11.17 30.99 -5.40
N VAL E 99 11.01 32.24 -5.02
CA VAL E 99 10.63 33.27 -5.97
C VAL E 99 11.68 33.41 -7.06
N LYS E 100 12.95 33.36 -6.68
CA LYS E 100 14.05 33.44 -7.62
C LYS E 100 13.93 32.31 -8.65
N GLY E 101 13.65 31.11 -8.16
CA GLY E 101 13.52 29.95 -9.04
C GLY E 101 12.33 30.02 -9.98
N LEU E 102 11.26 30.67 -9.53
CA LEU E 102 10.04 30.78 -10.34
C LEU E 102 10.19 31.67 -11.57
N LYS E 103 11.31 32.38 -11.69
CA LYS E 103 11.53 33.23 -12.85
C LYS E 103 11.66 32.32 -14.07
N HIS E 104 12.22 31.14 -13.85
CA HIS E 104 12.38 30.13 -14.89
C HIS E 104 11.90 28.81 -14.28
N PRO E 105 10.58 28.67 -14.12
CA PRO E 105 10.02 27.45 -13.55
C PRO E 105 10.61 26.17 -14.12
N HIS E 106 10.60 25.13 -13.31
CA HIS E 106 11.10 23.83 -13.70
C HIS E 106 10.65 22.78 -12.70
N ARG E 107 10.64 21.53 -13.14
CA ARG E 107 10.22 20.39 -12.34
C ARG E 107 10.50 20.46 -10.82
N TYR E 108 11.69 20.94 -10.43
CA TYR E 108 12.06 20.98 -9.01
C TYR E 108 12.13 22.36 -8.33
N VAL E 109 11.59 23.38 -8.98
CA VAL E 109 11.63 24.73 -8.44
C VAL E 109 11.01 24.90 -7.05
N LEU E 110 10.12 24.00 -6.66
CA LEU E 110 9.46 24.13 -5.34
C LEU E 110 9.99 23.18 -4.27
N ASP E 111 11.12 22.55 -4.52
CA ASP E 111 11.69 21.59 -3.56
C ASP E 111 12.02 22.15 -2.18
N ALA E 112 12.62 23.33 -2.13
CA ALA E 112 12.98 23.93 -0.85
C ALA E 112 11.74 24.24 -0.01
N ALA E 113 10.72 24.83 -0.63
CA ALA E 113 9.49 25.15 0.07
C ALA E 113 8.74 23.89 0.49
N GLN E 114 8.66 22.93 -0.42
CA GLN E 114 7.99 21.67 -0.14
C GLN E 114 8.61 20.99 1.08
N THR E 115 9.94 21.00 1.15
CA THR E 115 10.64 20.37 2.27
C THR E 115 10.34 21.12 3.57
N HIS E 116 10.31 22.45 3.49
CA HIS E 116 10.03 23.24 4.67
C HIS E 116 8.63 22.91 5.18
N ILE E 117 7.66 22.75 4.28
CA ILE E 117 6.29 22.44 4.71
C ILE E 117 6.11 21.01 5.22
N TYR E 118 6.87 20.09 4.64
CA TYR E 118 6.86 18.69 5.05
C TYR E 118 7.33 18.64 6.52
N MET E 119 8.45 19.29 6.80
CA MET E 119 9.00 19.33 8.15
C MET E 119 8.07 19.99 9.15
N LEU E 120 7.33 21.00 8.70
CA LEU E 120 6.38 21.72 9.56
C LEU E 120 5.22 20.82 9.97
N MET E 121 4.65 20.10 9.00
CA MET E 121 3.54 19.18 9.28
C MET E 121 4.03 18.04 10.16
N LYS E 122 5.22 17.53 9.85
CA LYS E 122 5.81 16.43 10.59
C LYS E 122 6.07 16.77 12.05
N LYS E 123 6.73 17.90 12.28
CA LYS E 123 7.06 18.32 13.63
C LYS E 123 5.86 18.80 14.43
N ASP E 124 4.89 19.43 13.77
CA ASP E 124 3.75 19.98 14.49
C ASP E 124 2.39 19.29 14.43
N SER E 125 2.10 18.55 13.38
CA SER E 125 0.78 17.94 13.26
C SER E 125 0.70 16.42 13.35
N TYR E 126 1.70 15.74 12.80
CA TYR E 126 1.73 14.27 12.80
C TYR E 126 1.48 13.61 14.15
N ALA E 127 2.28 13.94 15.16
CA ALA E 127 2.13 13.35 16.48
C ALA E 127 0.74 13.56 17.06
N ARG E 128 0.20 14.75 16.86
CA ARG E 128 -1.12 15.06 17.37
C ARG E 128 -2.17 14.23 16.61
N TYR E 129 -1.98 14.09 15.31
CA TYR E 129 -2.92 13.31 14.48
C TYR E 129 -3.08 11.89 15.01
N LEU E 130 -1.95 11.24 15.31
CA LEU E 130 -1.97 9.86 15.81
C LEU E 130 -2.70 9.73 17.15
N LYS E 131 -2.94 10.85 17.81
CA LYS E 131 -3.64 10.85 19.10
C LYS E 131 -5.09 11.24 18.94
N SER E 132 -5.42 11.78 17.77
CA SER E 132 -6.79 12.23 17.51
C SER E 132 -7.82 11.11 17.38
N PRO E 133 -9.10 11.45 17.56
CA PRO E 133 -10.19 10.47 17.45
C PRO E 133 -10.26 10.03 15.99
N ILE E 134 -9.94 10.96 15.08
CA ILE E 134 -9.96 10.67 13.66
C ILE E 134 -9.12 9.43 13.35
N TYR E 135 -7.86 9.43 13.77
CA TYR E 135 -7.01 8.29 13.53
C TYR E 135 -7.46 7.08 14.33
N LYS E 136 -7.90 7.32 15.56
CA LYS E 136 -8.35 6.22 16.39
C LYS E 136 -9.49 5.47 15.70
N GLU E 137 -10.41 6.22 15.10
CA GLU E 137 -11.54 5.62 14.41
C GLU E 137 -11.10 4.95 13.11
N MET E 138 -10.16 5.56 12.41
CA MET E 138 -9.65 5.02 11.16
C MET E 138 -9.15 3.61 11.48
N LEU E 139 -8.59 3.45 12.67
CA LEU E 139 -8.08 2.17 13.13
C LEU E 139 -9.24 1.20 13.37
N ALA E 140 -10.18 1.63 14.20
CA ALA E 140 -11.34 0.82 14.54
C ALA E 140 -12.14 0.36 13.32
N LYS E 141 -12.39 1.29 12.40
CA LYS E 141 -13.16 0.98 11.20
C LYS E 141 -12.39 0.26 10.09
N ALA E 142 -11.28 -0.39 10.45
CA ALA E 142 -10.51 -1.11 9.46
C ALA E 142 -10.54 -2.61 9.78
MG MG F . -2.35 -26.06 -15.36
AL ALF G . -5.66 -26.73 -15.93
F1 ALF G . -5.30 -26.21 -14.28
F2 ALF G . -6.00 -27.25 -17.57
F3 ALF G . -7.12 -27.62 -15.41
F4 ALF G . -4.21 -25.86 -16.42
PB GDP H . -3.57 -29.29 -15.96
O1B GDP H . -3.69 -29.90 -17.30
O2B GDP H . -2.63 -28.26 -15.72
O3B GDP H . -5.00 -28.98 -15.47
O3A GDP H . -3.41 -30.37 -14.86
PA GDP H . -2.42 -30.44 -13.58
O1A GDP H . -1.03 -30.51 -14.08
O2A GDP H . -2.78 -29.26 -12.72
O5' GDP H . -2.92 -31.83 -13.06
C5' GDP H . -4.20 -31.96 -12.38
C4' GDP H . -4.14 -32.78 -11.17
O4' GDP H . -3.82 -34.19 -11.60
C3' GDP H . -2.91 -32.45 -10.24
O3' GDP H . -3.38 -32.74 -8.85
C2' GDP H . -1.77 -33.43 -10.59
O2' GDP H . -0.78 -33.75 -9.59
C1' GDP H . -2.53 -34.70 -11.04
N9 GDP H . -1.88 -35.47 -12.10
C8 GDP H . -1.45 -34.77 -13.35
N7 GDP H . -0.95 -35.94 -13.94
C5 GDP H . -1.00 -37.11 -13.29
C6 GDP H . -0.69 -38.48 -13.35
O6 GDP H . -0.10 -38.90 -14.48
N1 GDP H . -0.96 -39.38 -12.36
C2 GDP H . -1.62 -38.87 -11.12
N2 GDP H . -1.79 -39.88 -10.29
N3 GDP H . -1.91 -37.63 -11.01
C4 GDP H . -1.63 -36.79 -12.02
MG MG I . 3.63 28.09 18.93
AL ALF J . 4.81 30.32 16.51
F1 ALF J . 3.43 29.66 17.37
F2 ALF J . 6.23 30.97 15.68
F3 ALF J . 4.11 31.94 16.46
F4 ALF J . 5.50 28.69 16.58
PB GDP K . 5.41 31.10 19.83
O1B GDP K . 4.72 32.29 20.41
O2B GDP K . 4.67 29.93 19.82
O3B GDP K . 6.01 31.64 18.48
O3A GDP K . 6.73 30.73 20.60
PA GDP K . 7.27 29.33 21.30
O1A GDP K . 6.39 29.02 22.47
O2A GDP K . 7.31 28.24 20.26
O5' GDP K . 8.63 29.88 21.77
C5' GDP K . 9.76 30.06 20.86
C4' GDP K . 11.05 29.61 21.43
O4' GDP K . 11.40 30.54 22.55
C3' GDP K . 10.96 28.22 22.17
O3' GDP K . 12.22 27.52 21.88
C2' GDP K . 10.85 28.50 23.71
O2' GDP K . 11.40 27.55 24.65
C1' GDP K . 11.55 29.86 23.88
N9 GDP K . 10.94 30.77 24.90
C8 GDP K . 9.48 31.09 24.83
N7 GDP K . 9.53 31.93 25.97
C5 GDP K . 10.67 32.12 26.63
C6 GDP K . 11.30 32.78 27.72
O6 GDP K . 10.51 33.54 28.48
N1 GDP K . 12.61 32.67 28.03
C2 GDP K . 13.47 31.80 27.16
N2 GDP K . 14.70 31.84 27.62
N3 GDP K . 12.96 31.20 26.18
C4 GDP K . 11.65 31.33 25.90
#